data_8ZYP
#
_entry.id   8ZYP
#
_cell.length_a   1.00
_cell.length_b   1.00
_cell.length_c   1.00
_cell.angle_alpha   90.00
_cell.angle_beta   90.00
_cell.angle_gamma   90.00
#
_symmetry.space_group_name_H-M   'P 1'
#
loop_
_entity.id
_entity.type
_entity.pdbx_description
1 polymer 'Potassium voltage-gated channel subfamily H member 2'
2 non-polymer ~{N}-[4-[1-[2-(6-methylpyridin-2-yl)ethyl]piperidin-4-yl]carbonylphenyl]methanesulfonamide
#
_entity_poly.entity_id   1
_entity_poly.type   'polypeptide(L)'
_entity_poly.pdbx_seq_one_letter_code
;MPVRRGHVAPQNTFLDTIIRKFEGQSRKFIIANARVENCAVIYCNDGFCELCGYSRAEVMQRPCTCDFLHGPRTQRRAAA
QIAQALLGAEERKVEIAFYRKDGSCFLCLVDVVPVKNEDGAVIMFILNFEVVMEKDMVGSSPTSDREIIAPKIKERTHNV
TEKVTQVLSLGADVLPEYKLQAPRIHRWTILHYSPFKAVWDWLILLLVIYTAVFTPYSAAFLLKETEEGPPATECGYACQ
PLAVVDLIVDIMFIVDILINFRTTYVNANEEVVSHPGRIAVHYFKGWFLIDMVAAIPFDLLIFGSGSEELIGLLKTARLL
RLVRVARKLDRYSEYGAAVLFLLMCTFALIAHWLACIWYAIGNMEQPHMDSRIGWLHNLGDQIGKPYNSSGLGGPSIKDK
YVTALYFTFSSLTSVGFGNVSPNTNSEKIFSICVMLIGSLMYASIFGNVSAIIQRLYSGTARYHTQMLRVREFIRFHQIP
NPLRQRLEEYFQHAWSYTNGIDMNAVLKGFPECLQADICLHLNRSLLQHCKPFRGATKGCLRALAMKFKTTHAPPGDTLV
HAGDLLTALYFISRGSIEILRGDVVVAILGKNDIFGEPLNLYARPGKSNGDVRALTYCDLHKIHRDDLLEVLDMYPEFSD
HFWSSLEITFNLRDTNMIPGGRQYQELPRCPAPTPSLLNIPLSSPGRRPRGDVESRLDALQRQLNRLETRLSADMATVLQ
LLQRQMTLVPPAYSAVTTPGPGPTSTSPLLPVSPLPTLTLDSLSQVSQFMACEELPPGAPELPQEGPTRRLSLPGQLGAL
TSQPLHRHGSDPGSLEVLFQ
;
_entity_poly.pdbx_strand_id   A,B,C,D
#
loop_
_chem_comp.id
_chem_comp.type
_chem_comp.name
_chem_comp.formula
A1L2J non-polymer ~{N}-[4-[1-[2-(6-methylpyridin-2-yl)ethyl]piperidin-4-yl]carbonylphenyl]methanesulfonamide 'C21 H27 N3 O3 S'
#
# COMPACT_ATOMS: atom_id res chain seq x y z
N LYS A 197 5.03 4.46 44.31
CA LYS A 197 5.24 3.24 43.53
C LYS A 197 4.08 3.03 42.56
N ALA A 198 2.90 3.49 42.95
CA ALA A 198 1.73 3.35 42.09
C ALA A 198 1.92 4.09 40.77
N VAL A 199 2.44 5.32 40.84
CA VAL A 199 2.68 6.11 39.64
C VAL A 199 4.16 6.16 39.27
N TRP A 200 5.02 5.45 40.01
CA TRP A 200 6.43 5.42 39.67
C TRP A 200 6.67 4.70 38.35
N ASP A 201 5.92 3.63 38.10
CA ASP A 201 6.14 2.84 36.89
C ASP A 201 5.81 3.64 35.63
N TRP A 202 4.72 4.41 35.66
CA TRP A 202 4.38 5.22 34.48
C TRP A 202 5.37 6.35 34.29
N LEU A 203 5.88 6.91 35.38
CA LEU A 203 6.93 7.92 35.26
C LEU A 203 8.19 7.33 34.65
N ILE A 204 8.54 6.11 35.03
CA ILE A 204 9.69 5.44 34.43
C ILE A 204 9.43 5.13 32.97
N LEU A 205 8.20 4.78 32.62
CA LEU A 205 7.87 4.55 31.21
C LEU A 205 8.04 5.82 30.40
N LEU A 206 7.58 6.95 30.92
CA LEU A 206 7.78 8.23 30.25
C LEU A 206 9.27 8.55 30.14
N LEU A 207 10.04 8.24 31.18
CA LEU A 207 11.48 8.48 31.16
C LEU A 207 12.15 7.64 30.07
N VAL A 208 11.76 6.38 29.95
CA VAL A 208 12.29 5.50 28.92
C VAL A 208 11.92 6.02 27.53
N ILE A 209 10.70 6.51 27.38
CA ILE A 209 10.29 7.10 26.10
C ILE A 209 11.17 8.30 25.78
N TYR A 210 11.42 9.15 26.77
CA TYR A 210 12.24 10.34 26.54
C TYR A 210 13.64 9.96 26.09
N THR A 211 14.26 9.01 26.80
CA THR A 211 15.64 8.66 26.44
C THR A 211 15.69 7.94 25.11
N ALA A 212 14.68 7.11 24.80
CA ALA A 212 14.64 6.47 23.49
C ALA A 212 14.46 7.48 22.37
N VAL A 213 13.76 8.58 22.64
CA VAL A 213 13.60 9.61 21.61
C VAL A 213 14.89 10.41 21.44
N PHE A 214 15.54 10.76 22.54
CA PHE A 214 16.60 11.77 22.49
C PHE A 214 18.01 11.21 22.57
N THR A 215 18.20 9.90 22.74
CA THR A 215 19.55 9.36 22.68
C THR A 215 20.00 9.11 21.25
N PRO A 216 19.24 8.35 20.43
CA PRO A 216 19.67 8.21 19.03
C PRO A 216 19.67 9.53 18.28
N TYR A 217 18.75 10.44 18.61
CA TYR A 217 18.78 11.76 17.98
C TYR A 217 20.08 12.49 18.31
N SER A 218 20.49 12.45 19.57
CA SER A 218 21.72 13.13 19.96
C SER A 218 22.94 12.47 19.35
N ALA A 219 22.90 11.14 19.20
CA ALA A 219 24.03 10.43 18.60
C ALA A 219 24.16 10.75 17.12
N ALA A 220 23.05 10.70 16.39
CA ALA A 220 23.10 10.86 14.93
C ALA A 220 23.22 12.33 14.52
N PHE A 221 22.46 13.22 15.15
CA PHE A 221 22.35 14.61 14.70
C PHE A 221 23.27 15.54 15.47
N LEU A 222 23.15 15.59 16.79
CA LEU A 222 23.84 16.61 17.58
C LEU A 222 25.30 16.28 17.85
N LEU A 223 25.77 15.08 17.52
CA LEU A 223 27.17 14.74 17.75
C LEU A 223 28.10 15.61 16.90
N LYS A 224 27.72 15.85 15.65
CA LYS A 224 28.46 16.74 14.75
C LYS A 224 29.93 16.34 14.60
N LEU A 242 18.90 19.11 26.02
CA LEU A 242 19.66 19.95 26.95
C LEU A 242 20.37 19.09 27.98
N ALA A 243 21.58 19.52 28.37
CA ALA A 243 22.40 18.71 29.26
C ALA A 243 21.76 18.55 30.63
N VAL A 244 21.14 19.62 31.16
CA VAL A 244 20.55 19.56 32.48
C VAL A 244 19.41 18.56 32.52
N VAL A 245 18.66 18.42 31.43
CA VAL A 245 17.62 17.39 31.37
C VAL A 245 18.24 16.01 31.44
N ASP A 246 19.39 15.82 30.78
CA ASP A 246 20.07 14.53 30.85
C ASP A 246 20.54 14.23 32.27
N LEU A 247 21.08 15.23 32.97
CA LEU A 247 21.47 15.01 34.36
C LEU A 247 20.26 14.68 35.22
N ILE A 248 19.14 15.37 34.99
CA ILE A 248 17.93 15.14 35.79
C ILE A 248 17.43 13.71 35.57
N VAL A 249 17.39 13.27 34.30
CA VAL A 249 16.89 11.93 34.03
C VAL A 249 17.85 10.86 34.57
N ASP A 250 19.16 11.12 34.52
CA ASP A 250 20.10 10.19 35.13
C ASP A 250 19.88 10.10 36.63
N ILE A 251 19.61 11.25 37.28
CA ILE A 251 19.32 11.25 38.71
C ILE A 251 18.06 10.45 39.00
N MET A 252 17.03 10.62 38.18
CA MET A 252 15.79 9.88 38.38
C MET A 252 16.00 8.38 38.21
N PHE A 253 16.79 7.98 37.23
CA PHE A 253 17.07 6.56 37.05
C PHE A 253 17.92 6.00 38.18
N ILE A 254 18.83 6.81 38.73
CA ILE A 254 19.57 6.39 39.92
C ILE A 254 18.62 6.20 41.10
N VAL A 255 17.66 7.11 41.25
CA VAL A 255 16.66 6.95 42.30
C VAL A 255 15.87 5.67 42.09
N ASP A 256 15.52 5.37 40.84
CA ASP A 256 14.77 4.15 40.53
C ASP A 256 15.57 2.91 40.91
N ILE A 257 16.85 2.87 40.52
CA ILE A 257 17.65 1.68 40.84
C ILE A 257 17.88 1.57 42.33
N LEU A 258 17.99 2.69 43.04
CA LEU A 258 18.10 2.63 44.50
C LEU A 258 16.82 2.08 45.12
N ILE A 259 15.66 2.49 44.60
CA ILE A 259 14.40 1.94 45.10
C ILE A 259 14.29 0.45 44.78
N ASN A 260 14.85 0.03 43.65
CA ASN A 260 14.75 -1.37 43.24
C ASN A 260 15.35 -2.32 44.27
N PHE A 261 16.30 -1.84 45.07
CA PHE A 261 16.87 -2.66 46.14
C PHE A 261 15.86 -2.89 47.26
N GLY A 277 15.25 -6.58 53.80
CA GLY A 277 16.29 -6.44 52.80
C GLY A 277 16.81 -7.77 52.29
N ARG A 278 15.93 -8.77 52.27
CA ARG A 278 16.29 -10.11 51.81
C ARG A 278 16.03 -10.31 50.32
N ILE A 279 15.52 -9.28 49.62
CA ILE A 279 15.21 -9.40 48.20
C ILE A 279 16.30 -8.82 47.30
N ALA A 280 17.25 -8.08 47.87
CA ALA A 280 18.33 -7.51 47.04
C ALA A 280 19.14 -8.60 46.38
N VAL A 281 19.26 -9.77 47.01
CA VAL A 281 19.97 -10.88 46.40
C VAL A 281 19.25 -11.36 45.14
N HIS A 282 17.91 -11.33 45.16
CA HIS A 282 17.15 -11.67 43.96
C HIS A 282 17.39 -10.67 42.85
N TYR A 283 17.45 -9.38 43.20
CA TYR A 283 17.75 -8.35 42.20
C TYR A 283 19.14 -8.53 41.62
N PHE A 284 20.12 -8.88 42.45
CA PHE A 284 21.48 -9.05 41.96
C PHE A 284 21.57 -10.12 40.90
N LYS A 285 20.86 -11.24 41.08
CA LYS A 285 20.83 -12.28 40.08
C LYS A 285 19.93 -11.94 38.89
N GLY A 286 19.07 -10.93 39.02
CA GLY A 286 18.13 -10.61 37.98
C GLY A 286 18.65 -9.62 36.95
N TRP A 287 18.07 -8.42 36.93
CA TRP A 287 18.42 -7.39 35.96
C TRP A 287 19.39 -6.35 36.52
N PHE A 288 20.07 -6.65 37.63
CA PHE A 288 20.92 -5.65 38.25
C PHE A 288 22.06 -5.23 37.34
N LEU A 289 22.66 -6.18 36.63
CA LEU A 289 23.81 -5.86 35.79
C LEU A 289 23.42 -4.92 34.65
N ILE A 290 22.29 -5.18 33.99
CA ILE A 290 21.88 -4.36 32.86
C ILE A 290 21.53 -2.96 33.31
N ASP A 291 20.73 -2.86 34.38
CA ASP A 291 20.35 -1.55 34.91
C ASP A 291 21.58 -0.77 35.38
N MET A 292 22.54 -1.46 36.01
CA MET A 292 23.75 -0.79 36.47
C MET A 292 24.59 -0.28 35.30
N VAL A 293 24.76 -1.10 34.26
CA VAL A 293 25.57 -0.67 33.13
C VAL A 293 24.87 0.43 32.35
N ALA A 294 23.54 0.47 32.38
CA ALA A 294 22.81 1.55 31.73
C ALA A 294 22.73 2.80 32.60
N ALA A 295 23.01 2.71 33.90
CA ALA A 295 22.91 3.86 34.79
C ALA A 295 24.25 4.52 35.09
N ILE A 296 25.36 3.86 34.83
CA ILE A 296 26.68 4.42 35.11
C ILE A 296 27.04 5.44 34.03
N PRO A 297 27.31 6.70 34.39
CA PRO A 297 27.78 7.65 33.37
C PRO A 297 29.14 7.23 32.82
N PHE A 298 29.32 7.46 31.52
CA PHE A 298 30.55 7.11 30.84
C PHE A 298 31.46 8.31 30.56
N ASP A 299 31.18 9.45 31.17
CA ASP A 299 32.01 10.62 30.97
C ASP A 299 33.38 10.41 31.59
N LEU A 300 34.41 10.94 30.92
CA LEU A 300 35.78 10.83 31.41
C LEU A 300 36.42 12.20 31.50
N LEU A 310 36.32 9.62 20.02
CA LEU A 310 35.01 10.23 20.27
C LEU A 310 34.28 9.50 21.38
N ILE A 311 34.35 10.03 22.60
CA ILE A 311 33.66 9.42 23.73
C ILE A 311 32.17 9.65 23.69
N GLY A 312 31.69 10.54 22.81
CA GLY A 312 30.26 10.81 22.74
C GLY A 312 29.44 9.68 22.14
N LEU A 313 30.10 8.73 21.48
CA LEU A 313 29.37 7.59 20.93
C LEU A 313 29.04 6.55 22.01
N LEU A 314 29.71 6.60 23.15
CA LEU A 314 29.43 5.66 24.24
C LEU A 314 28.10 5.94 24.92
N LYS A 315 27.46 7.07 24.63
CA LYS A 315 26.18 7.38 25.25
C LYS A 315 25.06 6.49 24.74
N THR A 316 25.31 5.68 23.71
CA THR A 316 24.29 4.78 23.19
C THR A 316 23.86 3.76 24.25
N ALA A 317 24.74 3.46 25.21
CA ALA A 317 24.44 2.46 26.23
C ALA A 317 23.20 2.80 27.04
N ARG A 318 22.81 4.07 27.09
CA ARG A 318 21.59 4.45 27.79
C ARG A 318 20.33 3.93 27.10
N LEU A 319 20.44 3.40 25.88
CA LEU A 319 19.30 2.75 25.24
C LEU A 319 18.95 1.43 25.89
N LEU A 320 19.78 0.94 26.81
CA LEU A 320 19.50 -0.30 27.52
C LEU A 320 18.39 -0.15 28.54
N ARG A 321 17.94 1.07 28.83
CA ARG A 321 16.84 1.27 29.76
C ARG A 321 15.51 0.75 29.22
N LEU A 322 15.44 0.42 27.93
CA LEU A 322 14.22 -0.15 27.37
C LEU A 322 13.89 -1.51 27.97
N VAL A 323 14.88 -2.19 28.55
CA VAL A 323 14.62 -3.48 29.17
C VAL A 323 13.67 -3.33 30.36
N ARG A 324 13.64 -2.14 30.96
CA ARG A 324 12.69 -1.90 32.05
C ARG A 324 11.26 -2.01 31.55
N VAL A 325 10.97 -1.35 30.44
CA VAL A 325 9.64 -1.44 29.83
C VAL A 325 9.39 -2.86 29.36
N ALA A 326 10.41 -3.52 28.80
CA ALA A 326 10.23 -4.88 28.30
C ALA A 326 9.87 -5.84 29.43
N ARG A 327 10.52 -5.70 30.58
CA ARG A 327 10.29 -6.62 31.69
C ARG A 327 9.07 -6.28 32.51
N LYS A 328 8.56 -5.05 32.43
CA LYS A 328 7.38 -4.66 33.21
C LYS A 328 6.12 -4.61 32.34
N LEU A 329 6.08 -5.39 31.26
CA LEU A 329 4.93 -5.38 30.37
C LEU A 329 3.66 -5.90 31.04
N ASP A 330 3.79 -6.58 32.18
CA ASP A 330 2.60 -7.06 32.88
C ASP A 330 1.70 -5.91 33.32
N ARG A 331 2.31 -4.84 33.83
CA ARG A 331 1.55 -3.68 34.29
C ARG A 331 1.13 -2.78 33.13
N TYR A 332 1.82 -2.84 32.00
CA TYR A 332 1.56 -1.97 30.87
C TYR A 332 0.63 -2.62 29.84
N SER A 333 -0.14 -3.63 30.23
CA SER A 333 -1.02 -4.33 29.31
C SER A 333 -2.37 -4.60 29.95
N GLU A 334 -2.91 -3.60 30.66
CA GLU A 334 -4.20 -3.76 31.31
C GLU A 334 -5.31 -2.94 30.68
N TYR A 335 -4.99 -1.83 30.04
CA TYR A 335 -5.98 -0.95 29.44
C TYR A 335 -5.81 -0.91 27.92
N GLY A 336 -6.93 -0.88 27.21
CA GLY A 336 -6.87 -0.84 25.75
C GLY A 336 -6.26 0.43 25.21
N ALA A 337 -6.62 1.57 25.81
CA ALA A 337 -6.01 2.84 25.40
C ALA A 337 -4.51 2.83 25.63
N ALA A 338 -4.08 2.21 26.73
CA ALA A 338 -2.64 2.07 26.97
C ALA A 338 -1.98 1.25 25.88
N VAL A 339 -2.63 0.18 25.43
CA VAL A 339 -2.04 -0.65 24.38
C VAL A 339 -1.98 0.11 23.06
N LEU A 340 -3.03 0.87 22.73
CA LEU A 340 -3.00 1.67 21.51
C LEU A 340 -1.87 2.70 21.57
N PHE A 341 -1.74 3.39 22.70
CA PHE A 341 -0.69 4.38 22.85
C PHE A 341 0.68 3.74 22.78
N LEU A 342 0.84 2.55 23.36
CA LEU A 342 2.12 1.87 23.31
C LEU A 342 2.46 1.43 21.88
N LEU A 343 1.46 0.96 21.13
CA LEU A 343 1.73 0.57 19.74
C LEU A 343 2.14 1.76 18.89
N MET A 344 1.46 2.90 19.05
CA MET A 344 1.92 4.09 18.34
C MET A 344 3.27 4.59 18.83
N CYS A 345 3.57 4.42 20.12
CA CYS A 345 4.90 4.78 20.60
C CYS A 345 5.96 3.91 19.94
N THR A 346 5.73 2.61 19.82
CA THR A 346 6.70 1.74 19.17
C THR A 346 6.84 2.07 17.69
N PHE A 347 5.72 2.34 17.01
CA PHE A 347 5.78 2.71 15.60
C PHE A 347 6.57 3.99 15.40
N ALA A 348 6.26 5.03 16.19
CA ALA A 348 6.98 6.29 16.06
C ALA A 348 8.45 6.13 16.43
N LEU A 349 8.76 5.30 17.42
CA LEU A 349 10.14 5.10 17.81
C LEU A 349 10.93 4.36 16.73
N ILE A 350 10.32 3.35 16.11
CA ILE A 350 11.00 2.66 15.01
C ILE A 350 11.23 3.62 13.86
N ALA A 351 10.24 4.45 13.53
CA ALA A 351 10.42 5.43 12.48
C ALA A 351 11.52 6.42 12.82
N HIS A 352 11.59 6.84 14.09
CA HIS A 352 12.62 7.79 14.51
C HIS A 352 14.02 7.16 14.45
N TRP A 353 14.16 5.91 14.90
CA TRP A 353 15.46 5.25 14.84
C TRP A 353 15.91 5.06 13.41
N LEU A 354 14.99 4.64 12.53
CA LEU A 354 15.34 4.48 11.12
C LEU A 354 15.67 5.82 10.48
N ALA A 355 15.01 6.90 10.92
CA ALA A 355 15.36 8.23 10.42
C ALA A 355 16.77 8.62 10.84
N CYS A 356 17.13 8.31 12.09
CA CYS A 356 18.49 8.61 12.53
C CYS A 356 19.52 7.81 11.73
N ILE A 357 19.22 6.54 11.45
CA ILE A 357 20.13 5.73 10.63
C ILE A 357 20.23 6.28 9.22
N TRP A 358 19.10 6.69 8.65
CA TRP A 358 19.08 7.23 7.29
C TRP A 358 19.90 8.52 7.20
N TYR A 359 19.76 9.39 8.19
CA TYR A 359 20.59 10.59 8.20
C TYR A 359 22.05 10.25 8.44
N ALA A 360 22.34 9.24 9.25
CA ALA A 360 23.73 8.84 9.45
C ALA A 360 24.35 8.39 8.15
N ILE A 361 23.62 7.59 7.37
CA ILE A 361 24.12 7.16 6.06
C ILE A 361 24.34 8.36 5.15
N GLY A 362 23.34 9.25 5.08
CA GLY A 362 23.45 10.39 4.19
C GLY A 362 24.60 11.30 4.54
N ASN A 363 24.82 11.53 5.84
CA ASN A 363 25.89 12.41 6.28
C ASN A 363 27.25 11.75 6.13
N MET A 364 27.32 10.43 6.32
CA MET A 364 28.56 9.71 6.08
C MET A 364 28.97 9.80 4.62
N GLU A 365 28.02 9.67 3.70
CA GLU A 365 28.35 9.72 2.29
C GLU A 365 28.34 11.13 1.69
N GLN A 366 27.91 12.14 2.44
CA GLN A 366 27.84 13.48 1.86
C GLN A 366 29.18 14.04 1.43
N PRO A 367 30.25 14.00 2.23
CA PRO A 367 31.48 14.70 1.80
C PRO A 367 32.19 14.02 0.63
N HIS A 368 32.30 12.70 0.66
CA HIS A 368 33.02 11.98 -0.39
C HIS A 368 32.10 11.67 -1.58
N ARG A 372 25.91 15.45 -4.79
CA ARG A 372 24.88 15.68 -5.79
C ARG A 372 24.17 14.38 -6.16
N ILE A 373 24.51 13.30 -5.43
CA ILE A 373 23.93 12.00 -5.67
C ILE A 373 23.19 11.55 -4.42
N GLY A 374 23.64 12.01 -3.26
CA GLY A 374 23.00 11.65 -2.02
C GLY A 374 21.66 12.34 -1.85
N TRP A 375 20.91 11.91 -0.84
CA TRP A 375 19.62 12.51 -0.58
C TRP A 375 19.73 13.89 0.05
N LEU A 376 20.83 14.15 0.77
CA LEU A 376 21.01 15.47 1.36
C LEU A 376 21.17 16.54 0.29
N HIS A 377 21.94 16.24 -0.76
CA HIS A 377 22.14 17.22 -1.83
C HIS A 377 20.83 17.51 -2.55
N ASN A 378 20.06 16.49 -2.86
CA ASN A 378 18.77 16.70 -3.52
C ASN A 378 17.83 17.49 -2.62
N LEU A 379 17.80 17.18 -1.32
CA LEU A 379 16.97 17.93 -0.40
C LEU A 379 17.36 19.40 -0.38
N GLY A 380 18.67 19.68 -0.29
CA GLY A 380 19.11 21.05 -0.29
C GLY A 380 18.76 21.78 -1.57
N ASP A 381 18.86 21.08 -2.70
CA ASP A 381 18.49 21.69 -3.97
C ASP A 381 16.99 21.99 -4.03
N GLN A 382 16.17 21.09 -3.51
CA GLN A 382 14.73 21.19 -3.66
C GLN A 382 14.03 22.00 -2.57
N ILE A 383 14.75 22.42 -1.53
CA ILE A 383 14.18 23.37 -0.57
C ILE A 383 14.81 24.75 -0.69
N GLY A 384 15.58 24.99 -1.75
CA GLY A 384 16.12 26.31 -2.00
C GLY A 384 17.37 26.68 -1.25
N LYS A 385 18.06 25.71 -0.65
CA LYS A 385 19.31 25.94 0.07
C LYS A 385 20.37 24.98 -0.47
N PRO A 386 20.99 25.31 -1.59
CA PRO A 386 22.02 24.43 -2.14
C PRO A 386 23.23 24.33 -1.22
N TYR A 387 23.89 23.18 -1.29
CA TYR A 387 25.09 22.94 -0.48
C TYR A 387 26.24 23.83 -0.95
N GLY A 393 27.03 25.36 3.13
CA GLY A 393 25.82 25.55 3.91
C GLY A 393 24.98 24.29 4.06
N GLY A 394 23.88 24.23 3.32
CA GLY A 394 23.01 23.09 3.37
C GLY A 394 21.78 23.32 4.21
N PRO A 395 20.87 22.35 4.22
CA PRO A 395 19.65 22.48 5.02
C PRO A 395 19.95 22.52 6.50
N SER A 396 19.06 23.18 7.25
CA SER A 396 19.19 23.23 8.69
C SER A 396 18.92 21.85 9.29
N ILE A 397 19.32 21.69 10.56
CA ILE A 397 19.15 20.40 11.23
C ILE A 397 17.67 20.03 11.30
N LYS A 398 16.82 21.02 11.54
CA LYS A 398 15.38 20.77 11.59
C LYS A 398 14.89 20.24 10.25
N ASP A 399 15.32 20.85 9.15
CA ASP A 399 14.88 20.39 7.83
C ASP A 399 15.36 18.97 7.55
N LYS A 400 16.61 18.67 7.91
CA LYS A 400 17.14 17.33 7.68
C LYS A 400 16.39 16.29 8.50
N TYR A 401 16.12 16.58 9.78
CA TYR A 401 15.39 15.62 10.59
C TYR A 401 13.97 15.43 10.07
N VAL A 402 13.30 16.53 9.69
CA VAL A 402 11.92 16.40 9.21
C VAL A 402 11.88 15.60 7.92
N THR A 403 12.80 15.86 7.00
CA THR A 403 12.85 15.08 5.76
C THR A 403 13.14 13.62 6.02
N ALA A 404 14.09 13.32 6.92
CA ALA A 404 14.42 11.93 7.20
C ALA A 404 13.24 11.20 7.83
N LEU A 405 12.57 11.83 8.80
CA LEU A 405 11.41 11.21 9.42
C LEU A 405 10.28 11.02 8.43
N TYR A 406 10.07 12.00 7.55
CA TYR A 406 9.01 11.90 6.56
C TYR A 406 9.28 10.79 5.56
N PHE A 407 10.52 10.67 5.08
CA PHE A 407 10.87 9.58 4.19
C PHE A 407 10.70 8.23 4.87
N THR A 408 11.15 8.12 6.12
CA THR A 408 11.05 6.85 6.81
C THR A 408 9.60 6.46 7.04
N PHE A 409 8.74 7.42 7.38
CA PHE A 409 7.33 7.13 7.54
C PHE A 409 6.69 6.71 6.22
N SER A 410 7.04 7.39 5.12
CA SER A 410 6.46 7.05 3.83
C SER A 410 6.90 5.67 3.37
N SER A 411 8.15 5.30 3.63
CA SER A 411 8.61 3.96 3.27
C SER A 411 7.96 2.91 4.16
N LEU A 412 7.82 3.19 5.47
CA LEU A 412 7.20 2.25 6.38
C LEU A 412 5.73 2.04 6.04
N THR A 413 5.01 3.12 5.76
CA THR A 413 3.60 3.06 5.42
C THR A 413 3.36 2.76 3.95
N SER A 414 4.43 2.61 3.17
CA SER A 414 4.34 2.22 1.76
C SER A 414 3.62 3.26 0.91
N VAL A 415 3.79 4.53 1.25
CA VAL A 415 3.27 5.58 0.39
C VAL A 415 4.28 5.92 -0.70
N GLY A 416 5.55 6.07 -0.35
CA GLY A 416 6.58 6.30 -1.33
C GLY A 416 6.33 7.54 -2.17
N PHE A 417 6.46 8.72 -1.54
CA PHE A 417 5.96 9.95 -2.15
C PHE A 417 6.68 10.34 -3.42
N GLY A 418 7.91 9.89 -3.61
CA GLY A 418 8.68 10.28 -4.77
C GLY A 418 9.46 11.56 -4.60
N ASN A 419 9.20 12.31 -3.53
CA ASN A 419 10.03 13.46 -3.20
C ASN A 419 11.45 13.02 -2.84
N VAL A 420 11.57 11.99 -2.01
CA VAL A 420 12.85 11.47 -1.55
C VAL A 420 12.96 10.03 -2.03
N SER A 421 14.02 9.74 -2.78
CA SER A 421 14.24 8.41 -3.34
C SER A 421 15.68 7.99 -3.19
N PRO A 422 15.96 6.78 -2.72
CA PRO A 422 17.34 6.30 -2.63
C PRO A 422 18.01 6.22 -4.00
N ASN A 423 19.29 6.60 -4.03
CA ASN A 423 20.00 6.74 -5.29
C ASN A 423 21.37 6.07 -5.24
N THR A 424 21.95 5.95 -4.06
CA THR A 424 23.23 5.30 -3.86
C THR A 424 23.02 3.88 -3.39
N ASN A 425 24.05 3.04 -3.58
CA ASN A 425 23.93 1.63 -3.25
C ASN A 425 23.62 1.41 -1.78
N SER A 426 24.28 2.15 -0.89
CA SER A 426 24.00 2.01 0.53
C SER A 426 22.57 2.44 0.84
N GLU A 427 22.11 3.52 0.22
CA GLU A 427 20.73 3.96 0.41
C GLU A 427 19.75 2.93 -0.12
N LYS A 428 20.04 2.33 -1.28
CA LYS A 428 19.13 1.32 -1.81
C LYS A 428 19.07 0.09 -0.93
N ILE A 429 20.22 -0.38 -0.43
CA ILE A 429 20.21 -1.54 0.45
C ILE A 429 19.49 -1.22 1.76
N PHE A 430 19.71 -0.02 2.29
CA PHE A 430 18.99 0.40 3.48
C PHE A 430 17.50 0.44 3.22
N SER A 431 17.09 0.89 2.04
CA SER A 431 15.68 0.97 1.71
C SER A 431 15.07 -0.41 1.57
N ILE A 432 15.82 -1.37 1.02
CA ILE A 432 15.34 -2.76 0.96
C ILE A 432 15.12 -3.30 2.37
N CYS A 433 16.08 -3.05 3.27
CA CYS A 433 15.93 -3.48 4.65
C CYS A 433 14.73 -2.81 5.31
N VAL A 434 14.52 -1.52 5.04
CA VAL A 434 13.39 -0.81 5.62
C VAL A 434 12.07 -1.35 5.06
N MET A 435 12.05 -1.71 3.78
CA MET A 435 10.83 -2.30 3.22
C MET A 435 10.51 -3.63 3.89
N LEU A 436 11.52 -4.47 4.10
CA LEU A 436 11.28 -5.73 4.80
C LEU A 436 10.81 -5.51 6.23
N ILE A 437 11.47 -4.57 6.94
CA ILE A 437 11.09 -4.26 8.32
C ILE A 437 9.67 -3.75 8.36
N GLY A 438 9.30 -2.86 7.45
CA GLY A 438 7.95 -2.33 7.41
C GLY A 438 6.92 -3.38 7.08
N SER A 439 7.27 -4.34 6.21
CA SER A 439 6.35 -5.43 5.91
C SER A 439 6.04 -6.23 7.17
N LEU A 440 7.09 -6.63 7.91
CA LEU A 440 6.87 -7.36 9.15
C LEU A 440 6.10 -6.52 10.16
N MET A 441 6.47 -5.24 10.28
CA MET A 441 5.85 -4.34 11.24
C MET A 441 4.37 -4.14 10.92
N TYR A 442 4.00 -4.00 9.66
CA TYR A 442 2.56 -3.91 9.36
C TYR A 442 1.88 -5.23 9.70
N ALA A 443 2.43 -6.35 9.23
CA ALA A 443 1.76 -7.62 9.47
C ALA A 443 1.50 -7.86 10.95
N SER A 444 2.39 -7.37 11.82
CA SER A 444 2.16 -7.51 13.25
C SER A 444 1.26 -6.41 13.79
N ILE A 445 1.73 -5.16 13.71
CA ILE A 445 1.12 -4.06 14.45
C ILE A 445 -0.25 -3.70 13.88
N PHE A 446 -0.37 -3.62 12.56
CA PHE A 446 -1.64 -3.16 11.98
C PHE A 446 -2.64 -4.29 11.84
N GLY A 447 -2.29 -5.50 12.25
CA GLY A 447 -3.27 -6.54 12.50
C GLY A 447 -3.70 -6.49 13.95
N ASN A 448 -2.74 -6.26 14.86
CA ASN A 448 -3.07 -6.13 16.27
C ASN A 448 -4.00 -4.95 16.51
N VAL A 449 -3.76 -3.82 15.84
CA VAL A 449 -4.56 -2.63 16.04
C VAL A 449 -6.00 -2.87 15.61
N SER A 450 -6.18 -3.52 14.46
CA SER A 450 -7.53 -3.87 14.04
C SER A 450 -8.19 -4.83 15.02
N ALA A 451 -7.44 -5.84 15.48
CA ALA A 451 -8.03 -6.83 16.38
C ALA A 451 -8.49 -6.20 17.69
N ILE A 452 -7.69 -5.30 18.25
CA ILE A 452 -8.05 -4.69 19.53
C ILE A 452 -8.94 -3.47 19.39
N ILE A 453 -9.07 -2.90 18.19
CA ILE A 453 -10.14 -1.94 17.94
C ILE A 453 -11.47 -2.67 17.83
N GLN A 454 -11.45 -3.87 17.23
CA GLN A 454 -12.67 -4.67 17.11
C GLN A 454 -13.25 -5.04 18.46
N ARG A 455 -12.46 -4.95 19.52
CA ARG A 455 -12.94 -5.17 20.89
C ARG A 455 -14.10 -4.24 21.21
N LYS B 197 20.11 -37.44 11.02
CA LYS B 197 19.68 -37.06 9.68
C LYS B 197 19.07 -35.67 9.65
N ALA B 198 18.57 -35.22 10.81
CA ALA B 198 17.98 -33.89 10.89
C ALA B 198 19.01 -32.81 10.53
N VAL B 199 20.23 -32.94 11.05
CA VAL B 199 21.30 -32.03 10.67
C VAL B 199 21.53 -32.10 9.17
N TRP B 200 21.49 -33.31 8.60
CA TRP B 200 21.63 -33.45 7.16
C TRP B 200 20.48 -32.76 6.42
N ASP B 201 19.26 -32.87 6.95
CA ASP B 201 18.12 -32.22 6.32
C ASP B 201 18.30 -30.71 6.30
N TRP B 202 18.72 -30.13 7.42
CA TRP B 202 18.91 -28.68 7.46
C TRP B 202 20.07 -28.24 6.57
N LEU B 203 21.13 -29.06 6.48
CA LEU B 203 22.22 -28.75 5.57
C LEU B 203 21.76 -28.78 4.12
N ILE B 204 20.92 -29.75 3.76
CA ILE B 204 20.40 -29.82 2.40
C ILE B 204 19.50 -28.62 2.12
N LEU B 205 18.71 -28.19 3.12
CA LEU B 205 17.91 -26.99 2.94
C LEU B 205 18.80 -25.77 2.69
N LEU B 206 19.90 -25.66 3.44
CA LEU B 206 20.82 -24.54 3.24
C LEU B 206 21.41 -24.56 1.84
N LEU B 207 21.82 -25.74 1.38
CA LEU B 207 22.40 -25.82 0.03
C LEU B 207 21.35 -25.54 -1.04
N VAL B 208 20.10 -25.96 -0.81
CA VAL B 208 19.03 -25.67 -1.76
C VAL B 208 18.76 -24.17 -1.82
N ILE B 209 18.79 -23.50 -0.67
CA ILE B 209 18.66 -22.05 -0.68
C ILE B 209 19.83 -21.41 -1.42
N TYR B 210 21.04 -21.94 -1.22
CA TYR B 210 22.20 -21.41 -1.92
C TYR B 210 22.04 -21.53 -3.44
N THR B 211 21.61 -22.69 -3.92
CA THR B 211 21.48 -22.86 -5.36
C THR B 211 20.33 -22.01 -5.90
N ALA B 212 19.22 -21.92 -5.16
CA ALA B 212 18.13 -21.05 -5.58
C ALA B 212 18.55 -19.59 -5.61
N VAL B 213 19.57 -19.21 -4.85
CA VAL B 213 20.06 -17.84 -4.91
C VAL B 213 21.04 -17.65 -6.06
N PHE B 214 21.93 -18.62 -6.29
CA PHE B 214 23.09 -18.40 -7.12
C PHE B 214 23.00 -18.98 -8.53
N THR B 215 22.05 -19.86 -8.83
CA THR B 215 21.94 -20.29 -10.23
C THR B 215 21.12 -19.31 -11.08
N PRO B 216 20.00 -18.76 -10.60
CA PRO B 216 19.38 -17.68 -11.39
C PRO B 216 20.26 -16.45 -11.52
N TYR B 217 21.03 -16.12 -10.47
CA TYR B 217 21.95 -15.00 -10.58
C TYR B 217 23.00 -15.23 -11.65
N SER B 218 23.59 -16.42 -11.68
CA SER B 218 24.58 -16.72 -12.70
C SER B 218 23.96 -16.76 -14.09
N ALA B 219 22.73 -17.25 -14.20
CA ALA B 219 22.06 -17.30 -15.49
C ALA B 219 21.76 -15.91 -16.02
N ALA B 220 21.34 -14.99 -15.16
CA ALA B 220 20.91 -13.68 -15.60
C ALA B 220 22.08 -12.70 -15.75
N PHE B 221 22.95 -12.62 -14.75
CA PHE B 221 23.96 -11.58 -14.68
C PHE B 221 25.33 -12.00 -15.21
N LEU B 222 25.87 -13.12 -14.72
CA LEU B 222 27.26 -13.45 -15.00
C LEU B 222 27.51 -13.98 -16.41
N LEU B 223 26.49 -14.47 -17.10
CA LEU B 223 26.69 -14.95 -18.46
C LEU B 223 27.01 -13.79 -19.38
N LYS B 224 28.21 -13.81 -19.97
CA LYS B 224 28.72 -12.72 -20.80
C LYS B 224 28.72 -11.39 -20.04
N LEU B 242 32.55 -18.51 -6.09
CA LEU B 242 33.29 -19.04 -7.23
C LEU B 242 32.64 -20.32 -7.73
N ALA B 243 33.20 -20.88 -8.81
CA ALA B 243 32.71 -22.14 -9.34
C ALA B 243 33.10 -23.32 -8.47
N VAL B 244 34.15 -23.19 -7.65
CA VAL B 244 34.56 -24.29 -6.79
C VAL B 244 33.50 -24.55 -5.72
N VAL B 245 32.83 -23.49 -5.24
CA VAL B 245 31.75 -23.70 -4.27
C VAL B 245 30.58 -24.41 -4.92
N ASP B 246 30.28 -24.08 -6.18
CA ASP B 246 29.23 -24.78 -6.90
C ASP B 246 29.59 -26.25 -7.10
N LEU B 247 30.85 -26.54 -7.40
CA LEU B 247 31.29 -27.92 -7.52
C LEU B 247 31.16 -28.66 -6.19
N ILE B 248 31.54 -28.00 -5.09
CA ILE B 248 31.42 -28.61 -3.77
C ILE B 248 29.96 -28.91 -3.46
N VAL B 249 29.06 -27.98 -3.78
CA VAL B 249 27.63 -28.19 -3.54
C VAL B 249 27.11 -29.34 -4.38
N ASP B 250 27.58 -29.45 -5.63
CA ASP B 250 27.18 -30.58 -6.47
C ASP B 250 27.67 -31.90 -5.87
N ILE B 251 28.89 -31.93 -5.36
CA ILE B 251 29.39 -33.14 -4.71
C ILE B 251 28.57 -33.48 -3.49
N MET B 252 28.18 -32.47 -2.71
CA MET B 252 27.33 -32.72 -1.54
C MET B 252 25.97 -33.26 -1.94
N PHE B 253 25.42 -32.78 -3.05
CA PHE B 253 24.12 -33.27 -3.51
C PHE B 253 24.24 -34.71 -4.02
N ILE B 254 25.36 -35.04 -4.67
CA ILE B 254 25.60 -36.42 -5.06
C ILE B 254 25.75 -37.31 -3.83
N VAL B 255 26.43 -36.80 -2.81
CA VAL B 255 26.54 -37.54 -1.55
C VAL B 255 25.17 -37.77 -0.93
N ASP B 256 24.29 -36.77 -1.02
CA ASP B 256 22.94 -36.90 -0.49
C ASP B 256 22.16 -37.97 -1.26
N ILE B 257 22.26 -37.96 -2.59
CA ILE B 257 21.55 -38.97 -3.37
C ILE B 257 22.17 -40.34 -3.16
N LEU B 258 23.42 -40.41 -2.70
CA LEU B 258 24.02 -41.69 -2.35
C LEU B 258 23.49 -42.20 -1.01
N ILE B 259 23.49 -41.36 0.02
CA ILE B 259 23.00 -41.78 1.33
C ILE B 259 21.50 -42.04 1.29
N ASN B 260 20.80 -41.45 0.33
CA ASN B 260 19.37 -41.68 0.18
C ASN B 260 19.02 -43.16 0.15
N PHE B 261 19.79 -43.94 -0.59
CA PHE B 261 19.61 -45.39 -0.61
C PHE B 261 19.96 -46.01 0.74
N GLY B 277 18.71 -52.38 0.93
CA GLY B 277 18.46 -52.62 -0.48
C GLY B 277 16.99 -52.78 -0.81
N ARG B 278 16.16 -52.92 0.23
CA ARG B 278 14.74 -53.08 0.03
C ARG B 278 14.07 -51.76 -0.34
N ILE B 279 14.54 -50.65 0.23
CA ILE B 279 13.96 -49.34 -0.07
C ILE B 279 14.44 -48.78 -1.40
N ALA B 280 15.52 -49.34 -1.96
CA ALA B 280 16.03 -48.86 -3.24
C ALA B 280 15.02 -49.06 -4.35
N VAL B 281 14.35 -50.21 -4.37
CA VAL B 281 13.31 -50.46 -5.37
C VAL B 281 12.15 -49.49 -5.17
N HIS B 282 11.83 -49.19 -3.92
CA HIS B 282 10.74 -48.25 -3.64
C HIS B 282 11.07 -46.86 -4.18
N TYR B 283 12.28 -46.37 -3.91
CA TYR B 283 12.64 -45.03 -4.36
C TYR B 283 12.87 -44.97 -5.86
N PHE B 284 13.28 -46.08 -6.47
CA PHE B 284 13.63 -46.05 -7.89
C PHE B 284 12.43 -45.65 -8.75
N LYS B 285 11.22 -45.99 -8.31
CA LYS B 285 10.00 -45.59 -9.00
C LYS B 285 9.36 -44.37 -8.35
N GLY B 286 10.15 -43.54 -7.67
CA GLY B 286 9.63 -42.37 -6.99
C GLY B 286 10.21 -41.07 -7.49
N TRP B 287 10.90 -40.34 -6.61
CA TRP B 287 11.53 -39.07 -6.99
C TRP B 287 12.91 -39.25 -7.60
N PHE B 288 13.38 -40.50 -7.73
CA PHE B 288 14.76 -40.73 -8.13
C PHE B 288 15.06 -40.13 -9.51
N LEU B 289 14.10 -40.20 -10.44
CA LEU B 289 14.32 -39.60 -11.74
C LEU B 289 14.50 -38.09 -11.63
N ILE B 290 13.69 -37.46 -10.78
CA ILE B 290 13.80 -36.01 -10.59
C ILE B 290 15.16 -35.66 -9.99
N ASP B 291 15.60 -36.42 -8.99
CA ASP B 291 16.92 -36.15 -8.40
C ASP B 291 18.03 -36.36 -9.43
N MET B 292 17.90 -37.40 -10.26
CA MET B 292 18.92 -37.67 -11.28
C MET B 292 19.00 -36.54 -12.30
N VAL B 293 17.85 -36.01 -12.72
CA VAL B 293 17.84 -34.94 -13.71
C VAL B 293 18.57 -33.71 -13.18
N ALA B 294 18.40 -33.42 -11.89
CA ALA B 294 19.02 -32.25 -11.28
C ALA B 294 20.43 -32.52 -10.77
N ALA B 295 20.96 -33.72 -10.97
CA ALA B 295 22.30 -34.06 -10.51
C ALA B 295 23.30 -34.29 -11.63
N ILE B 296 22.84 -34.61 -12.84
CA ILE B 296 23.78 -34.88 -13.93
C ILE B 296 24.45 -33.58 -14.35
N PRO B 297 25.76 -33.58 -14.59
CA PRO B 297 26.43 -32.35 -15.05
C PRO B 297 26.33 -32.21 -16.57
N PHE B 298 26.03 -30.99 -17.01
CA PHE B 298 25.88 -30.68 -18.42
C PHE B 298 27.11 -30.00 -19.00
N ASP B 299 28.29 -30.32 -18.48
CA ASP B 299 29.55 -29.74 -18.96
C ASP B 299 30.02 -30.54 -20.17
N LEU B 300 29.47 -30.17 -21.33
CA LEU B 300 29.83 -30.82 -22.59
C LEU B 300 31.25 -30.44 -23.01
N LEU B 310 23.30 -23.49 -25.01
CA LEU B 310 24.51 -23.12 -24.28
C LEU B 310 24.58 -23.84 -22.95
N ILE B 311 25.82 -24.13 -22.51
CA ILE B 311 26.01 -24.82 -21.24
C ILE B 311 25.50 -23.97 -20.08
N GLY B 312 25.71 -22.66 -20.16
CA GLY B 312 25.28 -21.78 -19.08
C GLY B 312 23.78 -21.80 -18.86
N LEU B 313 23.02 -21.73 -19.95
CA LEU B 313 21.57 -21.75 -19.79
C LEU B 313 21.06 -23.14 -19.46
N LEU B 314 21.78 -24.19 -19.88
CA LEU B 314 21.41 -25.55 -19.51
C LEU B 314 21.74 -25.85 -18.05
N LYS B 315 22.62 -25.07 -17.44
CA LYS B 315 22.95 -25.23 -16.03
C LYS B 315 21.80 -24.79 -15.13
N THR B 316 20.77 -24.16 -15.68
CA THR B 316 19.60 -23.78 -14.91
C THR B 316 18.78 -24.98 -14.46
N ALA B 317 19.11 -26.17 -14.94
CA ALA B 317 18.43 -27.38 -14.48
C ALA B 317 18.64 -27.63 -13.00
N ARG B 318 19.65 -27.01 -12.40
CA ARG B 318 19.88 -27.16 -10.97
C ARG B 318 18.73 -26.58 -10.14
N LEU B 319 17.90 -25.74 -10.74
CA LEU B 319 16.75 -25.19 -10.02
C LEU B 319 15.70 -26.25 -9.69
N LEU B 320 15.79 -27.43 -10.30
CA LEU B 320 14.84 -28.50 -9.99
C LEU B 320 15.07 -29.09 -8.61
N ARG B 321 16.19 -28.77 -7.97
CA ARG B 321 16.48 -29.27 -6.63
C ARG B 321 15.57 -28.68 -5.57
N LEU B 322 14.76 -27.68 -5.91
CA LEU B 322 13.85 -27.09 -4.93
C LEU B 322 12.80 -28.08 -4.45
N VAL B 323 12.52 -29.13 -5.22
CA VAL B 323 11.60 -30.16 -4.76
C VAL B 323 12.21 -30.95 -3.61
N ARG B 324 13.54 -30.99 -3.51
CA ARG B 324 14.19 -31.64 -2.38
C ARG B 324 13.83 -30.97 -1.06
N VAL B 325 13.42 -29.70 -1.10
CA VAL B 325 12.92 -29.01 0.09
C VAL B 325 11.41 -29.01 0.13
N ALA B 326 10.77 -28.86 -1.02
CA ALA B 326 9.30 -28.82 -1.07
C ALA B 326 8.67 -30.15 -0.69
N ARG B 327 9.40 -31.26 -0.80
CA ARG B 327 8.80 -32.56 -0.56
C ARG B 327 8.89 -33.03 0.89
N LYS B 328 9.67 -32.36 1.73
CA LYS B 328 9.72 -32.67 3.15
C LYS B 328 9.57 -31.41 4.00
N LEU B 329 8.70 -30.50 3.56
CA LEU B 329 8.43 -29.29 4.33
C LEU B 329 7.88 -29.62 5.71
N ASP B 330 7.32 -30.82 5.90
CA ASP B 330 6.86 -31.22 7.23
C ASP B 330 7.99 -31.25 8.23
N ARG B 331 9.21 -31.58 7.77
CA ARG B 331 10.38 -31.51 8.63
C ARG B 331 10.74 -30.08 9.01
N TYR B 332 10.20 -29.09 8.30
CA TYR B 332 10.49 -27.68 8.53
C TYR B 332 9.24 -26.92 8.99
N SER B 333 8.42 -27.57 9.83
CA SER B 333 7.19 -26.94 10.29
C SER B 333 6.93 -27.23 11.77
N GLU B 334 7.98 -27.35 12.57
CA GLU B 334 7.83 -27.69 13.98
C GLU B 334 8.32 -26.61 14.93
N TYR B 335 9.27 -25.76 14.51
CA TYR B 335 9.79 -24.75 15.42
C TYR B 335 8.79 -23.61 15.60
N GLY B 336 7.97 -23.33 14.59
CA GLY B 336 7.05 -22.21 14.65
C GLY B 336 7.66 -20.94 14.09
N ALA B 337 8.76 -20.48 14.69
CA ALA B 337 9.47 -19.33 14.16
C ALA B 337 10.25 -19.70 12.91
N ALA B 338 10.62 -20.98 12.75
CA ALA B 338 11.26 -21.41 11.52
C ALA B 338 10.34 -21.21 10.33
N VAL B 339 9.03 -21.32 10.53
CA VAL B 339 8.09 -21.05 9.44
C VAL B 339 8.12 -19.58 9.06
N LEU B 340 8.24 -18.69 10.05
CA LEU B 340 8.40 -17.26 9.76
C LEU B 340 9.68 -17.01 8.98
N PHE B 341 10.77 -17.64 9.39
CA PHE B 341 12.02 -17.46 8.65
C PHE B 341 11.90 -17.98 7.23
N LEU B 342 11.21 -19.11 7.05
CA LEU B 342 11.02 -19.66 5.71
C LEU B 342 10.14 -18.76 4.85
N LEU B 343 9.12 -18.14 5.45
CA LEU B 343 8.28 -17.21 4.68
C LEU B 343 9.06 -15.97 4.27
N MET B 344 9.88 -15.43 5.18
CA MET B 344 10.75 -14.32 4.80
C MET B 344 11.71 -14.73 3.69
N CYS B 345 12.29 -15.94 3.81
CA CYS B 345 13.24 -16.42 2.82
C CYS B 345 12.58 -16.60 1.45
N THR B 346 11.36 -17.14 1.41
CA THR B 346 10.72 -17.33 0.12
C THR B 346 10.26 -16.02 -0.49
N PHE B 347 9.86 -15.04 0.35
CA PHE B 347 9.59 -13.71 -0.20
C PHE B 347 10.83 -13.09 -0.82
N ALA B 348 11.96 -13.20 -0.11
CA ALA B 348 13.21 -12.66 -0.65
C ALA B 348 13.63 -13.39 -1.92
N LEU B 349 13.40 -14.71 -1.96
CA LEU B 349 13.75 -15.49 -3.15
C LEU B 349 12.88 -15.10 -4.34
N ILE B 350 11.59 -14.90 -4.12
CA ILE B 350 10.71 -14.45 -5.20
C ILE B 350 11.17 -13.09 -5.71
N ALA B 351 11.51 -12.18 -4.79
CA ALA B 351 12.00 -10.88 -5.20
C ALA B 351 13.29 -11.00 -6.00
N HIS B 352 14.19 -11.90 -5.60
CA HIS B 352 15.45 -12.10 -6.31
C HIS B 352 15.21 -12.65 -7.71
N TRP B 353 14.31 -13.63 -7.84
CA TRP B 353 14.03 -14.20 -9.16
C TRP B 353 13.41 -13.16 -10.08
N LEU B 354 12.47 -12.36 -9.55
CA LEU B 354 11.88 -11.30 -10.34
C LEU B 354 12.91 -10.23 -10.70
N ALA B 355 13.89 -9.98 -9.82
CA ALA B 355 14.96 -9.06 -10.15
C ALA B 355 15.81 -9.57 -11.31
N CYS B 356 16.11 -10.88 -11.30
CA CYS B 356 16.85 -11.46 -12.40
C CYS B 356 16.07 -11.38 -13.70
N ILE B 357 14.76 -11.62 -13.65
CA ILE B 357 13.93 -11.49 -14.85
C ILE B 357 13.90 -10.05 -15.34
N TRP B 358 13.78 -9.09 -14.42
CA TRP B 358 13.77 -7.67 -14.78
C TRP B 358 15.07 -7.27 -15.45
N TYR B 359 16.20 -7.73 -14.92
CA TYR B 359 17.48 -7.42 -15.56
C TYR B 359 17.61 -8.12 -16.90
N ALA B 360 17.08 -9.35 -17.02
CA ALA B 360 17.13 -10.04 -18.30
C ALA B 360 16.37 -9.27 -19.37
N ILE B 361 15.18 -8.76 -19.02
CA ILE B 361 14.42 -7.92 -19.95
C ILE B 361 15.21 -6.67 -20.30
N GLY B 362 15.76 -6.01 -19.27
CA GLY B 362 16.49 -4.77 -19.51
C GLY B 362 17.69 -4.96 -20.42
N ASN B 363 18.42 -6.05 -20.23
CA ASN B 363 19.59 -6.31 -21.06
C ASN B 363 19.21 -6.76 -22.46
N MET B 364 18.12 -7.51 -22.59
CA MET B 364 17.68 -7.90 -23.93
C MET B 364 17.14 -6.71 -24.72
N GLU B 365 16.72 -5.64 -24.04
CA GLU B 365 16.26 -4.45 -24.74
C GLU B 365 17.30 -3.37 -24.89
N GLN B 366 18.35 -3.35 -24.05
CA GLN B 366 19.26 -2.21 -24.04
C GLN B 366 19.98 -1.97 -25.36
N PRO B 367 20.59 -2.97 -26.02
CA PRO B 367 21.30 -2.67 -27.27
C PRO B 367 20.41 -2.10 -28.36
N HIS B 368 19.14 -2.50 -28.42
CA HIS B 368 18.25 -2.02 -29.46
C HIS B 368 17.99 -0.53 -29.35
N ARG B 372 17.32 7.05 -24.20
CA ARG B 372 16.97 7.36 -22.82
C ARG B 372 15.74 6.56 -22.38
N ILE B 373 15.37 5.55 -23.16
CA ILE B 373 14.23 4.68 -22.87
C ILE B 373 14.77 3.37 -22.32
N GLY B 374 14.21 2.92 -21.21
CA GLY B 374 14.68 1.70 -20.58
C GLY B 374 15.20 1.97 -19.19
N TRP B 375 15.10 0.99 -18.29
CA TRP B 375 15.52 1.23 -16.91
C TRP B 375 17.03 1.26 -16.77
N LEU B 376 17.76 0.58 -17.65
CA LEU B 376 19.22 0.58 -17.54
C LEU B 376 19.81 1.92 -17.94
N HIS B 377 19.31 2.54 -19.01
CA HIS B 377 19.80 3.86 -19.40
C HIS B 377 19.48 4.90 -18.34
N ASN B 378 18.25 4.86 -17.81
CA ASN B 378 17.88 5.80 -16.75
C ASN B 378 18.71 5.58 -15.50
N LEU B 379 18.97 4.32 -15.14
CA LEU B 379 19.82 4.05 -13.99
C LEU B 379 21.22 4.58 -14.20
N GLY B 380 21.78 4.38 -15.40
CA GLY B 380 23.09 4.94 -15.69
C GLY B 380 23.10 6.45 -15.58
N ASP B 381 22.03 7.11 -16.01
CA ASP B 381 21.96 8.56 -15.88
C ASP B 381 21.89 8.99 -14.42
N GLN B 382 21.03 8.34 -13.64
CA GLN B 382 20.83 8.72 -12.24
C GLN B 382 22.09 8.47 -11.42
N ILE B 383 22.66 7.26 -11.53
CA ILE B 383 23.77 6.85 -10.69
C ILE B 383 25.03 7.64 -10.95
N GLY B 384 25.08 8.40 -12.04
CA GLY B 384 26.28 9.14 -12.39
C GLY B 384 27.25 8.39 -13.28
N LYS B 385 26.79 7.34 -13.96
CA LYS B 385 27.63 6.53 -14.84
C LYS B 385 26.92 6.38 -16.17
N PRO B 386 26.92 7.44 -16.99
CA PRO B 386 26.20 7.38 -18.26
C PRO B 386 26.72 6.25 -19.15
N TYR B 387 25.79 5.61 -19.84
CA TYR B 387 26.12 4.50 -20.74
C TYR B 387 26.97 4.99 -21.89
N GLY B 393 29.80 0.99 -21.75
CA GLY B 393 29.93 0.61 -20.36
C GLY B 393 29.24 1.58 -19.41
N GLY B 394 28.24 1.08 -18.70
CA GLY B 394 27.46 1.90 -17.79
C GLY B 394 27.63 1.49 -16.35
N PRO B 395 26.51 1.24 -15.67
CA PRO B 395 26.58 0.83 -14.26
C PRO B 395 27.30 -0.50 -14.10
N SER B 396 27.97 -0.64 -12.96
CA SER B 396 28.60 -1.91 -12.63
C SER B 396 27.55 -2.95 -12.31
N ILE B 397 27.99 -4.21 -12.23
CA ILE B 397 27.06 -5.31 -11.96
C ILE B 397 26.47 -5.16 -10.57
N LYS B 398 27.25 -4.65 -9.62
CA LYS B 398 26.72 -4.40 -8.28
C LYS B 398 25.56 -3.42 -8.34
N ASP B 399 25.74 -2.30 -9.04
CA ASP B 399 24.69 -1.30 -9.13
C ASP B 399 23.47 -1.84 -9.85
N LYS B 400 23.67 -2.60 -10.92
CA LYS B 400 22.54 -3.17 -11.66
C LYS B 400 21.74 -4.13 -10.79
N TYR B 401 22.42 -5.05 -10.11
CA TYR B 401 21.69 -6.01 -9.28
C TYR B 401 20.99 -5.32 -8.12
N VAL B 402 21.66 -4.36 -7.47
CA VAL B 402 21.04 -3.67 -6.36
C VAL B 402 19.81 -2.88 -6.81
N THR B 403 19.92 -2.20 -7.95
CA THR B 403 18.78 -1.46 -8.47
C THR B 403 17.63 -2.37 -8.82
N ALA B 404 17.92 -3.52 -9.45
CA ALA B 404 16.86 -4.45 -9.82
C ALA B 404 16.17 -5.00 -8.58
N LEU B 405 16.95 -5.41 -7.58
CA LEU B 405 16.36 -5.95 -6.36
C LEU B 405 15.54 -4.89 -5.64
N TYR B 406 16.02 -3.64 -5.61
CA TYR B 406 15.29 -2.57 -4.95
C TYR B 406 13.97 -2.27 -5.66
N PHE B 407 14.00 -2.22 -7.00
CA PHE B 407 12.76 -2.01 -7.74
C PHE B 407 11.77 -3.13 -7.52
N THR B 408 12.25 -4.38 -7.56
CA THR B 408 11.35 -5.51 -7.38
C THR B 408 10.75 -5.52 -5.98
N PHE B 409 11.55 -5.19 -4.97
CA PHE B 409 11.02 -5.13 -3.62
C PHE B 409 9.98 -4.03 -3.47
N SER B 410 10.22 -2.87 -4.08
CA SER B 410 9.23 -1.79 -4.01
C SER B 410 7.94 -2.19 -4.72
N SER B 411 8.05 -2.85 -5.88
CA SER B 411 6.86 -3.27 -6.60
C SER B 411 6.08 -4.31 -5.81
N LEU B 412 6.76 -5.30 -5.22
CA LEU B 412 6.06 -6.32 -4.45
C LEU B 412 5.42 -5.73 -3.21
N THR B 413 6.13 -4.84 -2.51
CA THR B 413 5.62 -4.23 -1.29
C THR B 413 4.72 -3.03 -1.56
N SER B 414 4.57 -2.63 -2.82
CA SER B 414 3.65 -1.58 -3.24
C SER B 414 4.06 -0.22 -2.70
N VAL B 415 5.35 0.08 -2.73
CA VAL B 415 5.83 1.42 -2.39
C VAL B 415 5.89 2.29 -3.63
N GLY B 416 6.50 1.81 -4.71
CA GLY B 416 6.59 2.59 -5.92
C GLY B 416 7.37 3.87 -5.70
N PHE B 417 8.69 3.74 -5.52
CA PHE B 417 9.49 4.88 -5.10
C PHE B 417 9.55 5.96 -6.15
N GLY B 418 9.37 5.63 -7.42
CA GLY B 418 9.47 6.59 -8.48
C GLY B 418 10.87 6.87 -8.96
N ASN B 419 11.88 6.28 -8.32
CA ASN B 419 13.24 6.36 -8.82
C ASN B 419 13.39 5.56 -10.10
N VAL B 420 12.90 4.32 -10.10
CA VAL B 420 12.91 3.44 -11.25
C VAL B 420 11.49 3.02 -11.55
N SER B 421 11.07 3.17 -12.79
CA SER B 421 9.69 2.89 -13.17
C SER B 421 9.65 2.35 -14.59
N PRO B 422 8.78 1.37 -14.87
CA PRO B 422 8.71 0.81 -16.23
C PRO B 422 8.32 1.85 -17.27
N ASN B 423 8.94 1.73 -18.44
CA ASN B 423 8.73 2.69 -19.52
C ASN B 423 8.60 2.05 -20.90
N THR B 424 8.98 0.79 -21.06
CA THR B 424 8.85 0.08 -22.33
C THR B 424 7.72 -0.92 -22.22
N ASN B 425 7.22 -1.35 -23.37
CA ASN B 425 6.05 -2.23 -23.40
C ASN B 425 6.33 -3.54 -22.68
N SER B 426 7.50 -4.14 -22.90
CA SER B 426 7.84 -5.35 -22.18
C SER B 426 7.99 -5.08 -20.69
N GLU B 427 8.60 -3.96 -20.32
CA GLU B 427 8.70 -3.59 -18.91
C GLU B 427 7.33 -3.34 -18.31
N LYS B 428 6.44 -2.68 -19.04
CA LYS B 428 5.10 -2.42 -18.52
C LYS B 428 4.30 -3.70 -18.35
N ILE B 429 4.37 -4.61 -19.31
CA ILE B 429 3.66 -5.88 -19.19
C ILE B 429 4.24 -6.72 -18.06
N PHE B 430 5.56 -6.73 -17.93
CA PHE B 430 6.20 -7.41 -16.81
C PHE B 430 5.74 -6.81 -15.50
N SER B 431 5.60 -5.49 -15.44
CA SER B 431 5.17 -4.84 -14.21
C SER B 431 3.72 -5.16 -13.89
N ILE B 432 2.86 -5.27 -14.91
CA ILE B 432 1.47 -5.68 -14.67
C ILE B 432 1.43 -7.08 -14.09
N CYS B 433 2.21 -8.00 -14.69
CA CYS B 433 2.27 -9.37 -14.19
C CYS B 433 2.80 -9.41 -12.77
N VAL B 434 3.84 -8.62 -12.48
CA VAL B 434 4.40 -8.55 -11.14
C VAL B 434 3.39 -7.95 -10.18
N MET B 435 2.58 -7.00 -10.63
CA MET B 435 1.56 -6.43 -9.74
C MET B 435 0.53 -7.47 -9.35
N LEU B 436 0.00 -8.20 -10.34
CA LEU B 436 -0.94 -9.28 -10.03
C LEU B 436 -0.31 -10.32 -9.10
N ILE B 437 0.88 -10.80 -9.47
CA ILE B 437 1.54 -11.85 -8.71
C ILE B 437 1.89 -11.37 -7.31
N GLY B 438 2.41 -10.16 -7.19
CA GLY B 438 2.77 -9.64 -5.90
C GLY B 438 1.57 -9.43 -5.00
N SER B 439 0.47 -8.92 -5.55
CA SER B 439 -0.75 -8.80 -4.75
C SER B 439 -1.17 -10.17 -4.22
N LEU B 440 -1.27 -11.16 -5.11
CA LEU B 440 -1.74 -12.48 -4.68
C LEU B 440 -0.77 -13.10 -3.66
N MET B 441 0.51 -13.18 -4.01
CA MET B 441 1.49 -13.75 -3.10
C MET B 441 1.54 -12.99 -1.79
N TYR B 442 1.97 -11.73 -1.84
CA TYR B 442 2.00 -10.88 -0.65
C TYR B 442 0.79 -11.08 0.25
N ALA B 443 -0.42 -11.05 -0.31
CA ALA B 443 -1.60 -11.27 0.52
C ALA B 443 -1.57 -12.63 1.19
N SER B 444 -1.23 -13.69 0.45
CA SER B 444 -1.23 -15.03 1.03
C SER B 444 -0.13 -15.18 2.09
N ILE B 445 1.09 -14.80 1.71
CA ILE B 445 2.25 -14.97 2.58
C ILE B 445 2.09 -14.18 3.86
N PHE B 446 1.69 -12.92 3.76
CA PHE B 446 1.64 -12.10 4.95
C PHE B 446 0.35 -12.29 5.76
N GLY B 447 -0.73 -12.79 5.14
CA GLY B 447 -1.81 -13.31 5.95
C GLY B 447 -1.36 -14.47 6.79
N ASN B 448 -0.58 -15.39 6.20
CA ASN B 448 -0.03 -16.49 6.98
C ASN B 448 0.91 -15.99 8.06
N VAL B 449 1.73 -14.98 7.75
CA VAL B 449 2.67 -14.43 8.72
C VAL B 449 1.92 -13.83 9.91
N SER B 450 0.87 -13.06 9.62
CA SER B 450 0.06 -12.48 10.69
C SER B 450 -0.64 -13.58 11.49
N ALA B 451 -1.04 -14.66 10.82
CA ALA B 451 -1.67 -15.77 11.53
C ALA B 451 -0.70 -16.43 12.50
N ILE B 452 0.54 -16.65 12.06
CA ILE B 452 1.50 -17.32 12.92
C ILE B 452 2.10 -16.39 13.96
N ILE B 453 1.98 -15.07 13.76
CA ILE B 453 2.45 -14.14 14.78
C ILE B 453 1.64 -14.30 16.06
N GLN B 454 0.33 -14.56 15.93
CA GLN B 454 -0.52 -14.72 17.11
C GLN B 454 -0.09 -15.90 17.96
N ARG B 455 0.45 -16.95 17.35
CA ARG B 455 0.91 -18.11 18.09
C ARG B 455 2.35 -17.92 18.58
N LYS C 197 -24.38 -30.61 -22.14
CA LYS C 197 -24.77 -29.67 -21.10
C LYS C 197 -23.84 -29.80 -19.90
N ALA C 198 -23.14 -30.93 -19.82
CA ALA C 198 -22.19 -31.13 -18.73
C ALA C 198 -21.05 -30.10 -18.79
N VAL C 199 -20.51 -29.88 -19.98
CA VAL C 199 -19.42 -28.92 -20.18
C VAL C 199 -19.89 -27.67 -20.90
N TRP C 200 -21.17 -27.56 -21.23
CA TRP C 200 -21.66 -26.37 -21.92
C TRP C 200 -21.54 -25.12 -21.06
N ASP C 201 -21.71 -25.26 -19.75
CA ASP C 201 -21.64 -24.11 -18.86
C ASP C 201 -20.24 -23.50 -18.85
N TRP C 202 -19.20 -24.33 -18.84
CA TRP C 202 -17.84 -23.80 -18.85
C TRP C 202 -17.50 -23.12 -20.16
N LEU C 203 -17.96 -23.70 -21.28
CA LEU C 203 -17.74 -23.06 -22.58
C LEU C 203 -18.47 -21.73 -22.65
N ILE C 204 -19.69 -21.66 -22.13
CA ILE C 204 -20.41 -20.40 -22.09
C ILE C 204 -19.69 -19.40 -21.18
N LEU C 205 -19.08 -19.88 -20.10
CA LEU C 205 -18.29 -19.00 -19.26
C LEU C 205 -17.11 -18.42 -20.01
N LEU C 206 -16.42 -19.24 -20.81
CA LEU C 206 -15.34 -18.72 -21.62
C LEU C 206 -15.83 -17.69 -22.63
N LEU C 207 -16.98 -17.94 -23.25
CA LEU C 207 -17.52 -16.98 -24.20
C LEU C 207 -17.92 -15.68 -23.51
N VAL C 208 -18.47 -15.75 -22.30
CA VAL C 208 -18.81 -14.55 -21.54
C VAL C 208 -17.56 -13.77 -21.17
N ILE C 209 -16.50 -14.46 -20.76
CA ILE C 209 -15.25 -13.78 -20.46
C ILE C 209 -14.71 -13.10 -21.71
N TYR C 210 -14.80 -13.78 -22.86
CA TYR C 210 -14.35 -13.18 -24.11
C TYR C 210 -15.15 -11.92 -24.42
N THR C 211 -16.47 -11.98 -24.30
CA THR C 211 -17.27 -10.82 -24.69
C THR C 211 -17.08 -9.67 -23.70
N ALA C 212 -16.90 -9.98 -22.41
CA ALA C 212 -16.60 -8.94 -21.44
C ALA C 212 -15.26 -8.28 -21.72
N VAL C 213 -14.28 -9.07 -22.16
CA VAL C 213 -12.97 -8.50 -22.47
C VAL C 213 -13.03 -7.65 -23.73
N PHE C 214 -13.75 -8.10 -24.75
CA PHE C 214 -13.63 -7.52 -26.08
C PHE C 214 -14.74 -6.56 -26.48
N THR C 215 -15.80 -6.42 -25.69
CA THR C 215 -16.80 -5.42 -26.07
C THR C 215 -16.37 -4.02 -25.65
N PRO C 216 -15.99 -3.78 -24.39
CA PRO C 216 -15.48 -2.43 -24.05
C PRO C 216 -14.21 -2.06 -24.80
N TYR C 217 -13.34 -3.02 -25.12
CA TYR C 217 -12.15 -2.69 -25.90
C TYR C 217 -12.53 -2.17 -27.27
N SER C 218 -13.47 -2.82 -27.95
CA SER C 218 -13.90 -2.35 -29.26
C SER C 218 -14.65 -1.03 -29.15
N ALA C 219 -15.42 -0.86 -28.08
CA ALA C 219 -16.16 0.38 -27.89
C ALA C 219 -15.23 1.57 -27.70
N ALA C 220 -14.16 1.40 -26.93
CA ALA C 220 -13.29 2.52 -26.58
C ALA C 220 -12.15 2.70 -27.58
N PHE C 221 -11.36 1.64 -27.81
CA PHE C 221 -10.13 1.80 -28.57
C PHE C 221 -10.36 1.73 -30.08
N LEU C 222 -11.12 0.75 -30.54
CA LEU C 222 -11.21 0.48 -31.98
C LEU C 222 -12.28 1.30 -32.69
N LEU C 223 -13.11 2.05 -31.96
CA LEU C 223 -14.13 2.84 -32.62
C LEU C 223 -13.52 3.92 -33.50
N LYS C 224 -12.51 4.62 -32.99
CA LYS C 224 -11.81 5.67 -33.73
C LYS C 224 -12.77 6.73 -34.27
N LEU C 242 -11.60 -9.72 -34.11
CA LEU C 242 -12.04 -9.76 -35.51
C LEU C 242 -13.55 -9.89 -35.58
N ALA C 243 -14.13 -9.51 -36.73
CA ALA C 243 -15.58 -9.57 -36.89
C ALA C 243 -16.09 -11.00 -36.91
N VAL C 244 -15.32 -11.90 -37.52
CA VAL C 244 -15.76 -13.29 -37.63
C VAL C 244 -15.87 -13.94 -36.26
N VAL C 245 -14.91 -13.66 -35.36
CA VAL C 245 -14.95 -14.24 -34.03
C VAL C 245 -16.17 -13.75 -33.26
N ASP C 246 -16.44 -12.45 -33.33
CA ASP C 246 -17.61 -11.91 -32.64
C ASP C 246 -18.91 -12.48 -33.22
N LEU C 247 -18.98 -12.62 -34.55
CA LEU C 247 -20.17 -13.21 -35.16
C LEU C 247 -20.36 -14.65 -34.70
N ILE C 248 -19.28 -15.42 -34.66
CA ILE C 248 -19.37 -16.81 -34.19
C ILE C 248 -19.84 -16.85 -32.75
N VAL C 249 -19.36 -15.92 -31.92
CA VAL C 249 -19.76 -15.91 -30.51
C VAL C 249 -21.25 -15.57 -30.38
N ASP C 250 -21.74 -14.61 -31.17
CA ASP C 250 -23.17 -14.31 -31.13
C ASP C 250 -24.00 -15.50 -31.58
N ILE C 251 -23.57 -16.19 -32.64
CA ILE C 251 -24.29 -17.36 -33.10
C ILE C 251 -24.30 -18.44 -32.02
N MET C 252 -23.18 -18.59 -31.31
CA MET C 252 -23.10 -19.59 -30.25
C MET C 252 -24.00 -19.23 -29.09
N PHE C 253 -24.12 -17.94 -28.78
CA PHE C 253 -25.04 -17.51 -27.72
C PHE C 253 -26.49 -17.73 -28.12
N ILE C 254 -26.80 -17.50 -29.40
CA ILE C 254 -28.14 -17.81 -29.90
C ILE C 254 -28.42 -19.31 -29.77
N VAL C 255 -27.44 -20.13 -30.11
CA VAL C 255 -27.58 -21.57 -29.94
C VAL C 255 -27.80 -21.91 -28.46
N ASP C 256 -27.08 -21.22 -27.57
CA ASP C 256 -27.21 -21.49 -26.14
C ASP C 256 -28.61 -21.17 -25.64
N ILE C 257 -29.16 -20.02 -26.05
CA ILE C 257 -30.51 -19.69 -25.59
C ILE C 257 -31.52 -20.64 -26.23
N LEU C 258 -31.24 -21.12 -27.44
CA LEU C 258 -32.15 -22.07 -28.08
C LEU C 258 -32.17 -23.42 -27.35
N ILE C 259 -31.00 -23.95 -27.01
CA ILE C 259 -30.93 -25.32 -26.52
C ILE C 259 -31.55 -25.43 -25.12
N ASN C 260 -31.31 -24.45 -24.27
CA ASN C 260 -31.81 -24.46 -22.90
C ASN C 260 -33.27 -24.02 -22.80
N PHE C 261 -33.99 -23.98 -23.92
CA PHE C 261 -35.41 -23.65 -23.92
C PHE C 261 -36.26 -24.91 -23.75
N GLY C 277 -42.30 -29.39 -23.16
CA GLY C 277 -42.66 -28.01 -23.39
C GLY C 277 -43.21 -27.31 -22.16
N ARG C 278 -43.18 -28.03 -21.03
CA ARG C 278 -43.69 -27.47 -19.78
C ARG C 278 -42.83 -26.34 -19.24
N ILE C 279 -41.55 -26.29 -19.64
CA ILE C 279 -40.60 -25.34 -19.04
C ILE C 279 -40.46 -24.06 -19.85
N ALA C 280 -41.12 -23.95 -21.00
CA ALA C 280 -41.03 -22.74 -21.81
C ALA C 280 -41.62 -21.53 -21.07
N VAL C 281 -42.74 -21.73 -20.38
CA VAL C 281 -43.34 -20.64 -19.63
C VAL C 281 -42.43 -20.20 -18.49
N HIS C 282 -41.67 -21.14 -17.91
CA HIS C 282 -40.71 -20.80 -16.88
C HIS C 282 -39.65 -19.82 -17.40
N TYR C 283 -39.15 -20.06 -18.61
CA TYR C 283 -38.16 -19.16 -19.19
C TYR C 283 -38.81 -17.84 -19.59
N PHE C 284 -40.02 -17.89 -20.17
CA PHE C 284 -40.70 -16.66 -20.56
C PHE C 284 -40.93 -15.75 -19.36
N LYS C 285 -41.22 -16.33 -18.19
CA LYS C 285 -41.44 -15.50 -17.02
C LYS C 285 -40.12 -14.95 -16.47
N GLY C 286 -39.03 -15.68 -16.65
CA GLY C 286 -37.77 -15.33 -16.01
C GLY C 286 -36.82 -14.47 -16.83
N TRP C 287 -35.67 -15.03 -17.18
CA TRP C 287 -34.57 -14.30 -17.80
C TRP C 287 -34.71 -14.14 -19.30
N PHE C 288 -35.90 -14.35 -19.87
CA PHE C 288 -36.03 -14.27 -21.32
C PHE C 288 -35.77 -12.86 -21.83
N LEU C 289 -36.25 -11.85 -21.11
CA LEU C 289 -36.11 -10.48 -21.58
C LEU C 289 -34.64 -10.06 -21.64
N ILE C 290 -33.90 -10.30 -20.57
CA ILE C 290 -32.49 -9.89 -20.52
C ILE C 290 -31.68 -10.65 -21.55
N ASP C 291 -31.92 -11.96 -21.68
CA ASP C 291 -31.20 -12.76 -22.66
C ASP C 291 -31.52 -12.30 -24.08
N MET C 292 -32.77 -11.93 -24.33
CA MET C 292 -33.16 -11.49 -25.68
C MET C 292 -32.54 -10.15 -26.02
N VAL C 293 -32.64 -9.18 -25.11
CA VAL C 293 -32.10 -7.84 -25.40
C VAL C 293 -30.59 -7.84 -25.54
N ALA C 294 -29.92 -8.88 -25.04
CA ALA C 294 -28.47 -9.01 -25.17
C ALA C 294 -28.07 -9.89 -26.34
N ALA C 295 -29.01 -10.26 -27.20
CA ALA C 295 -28.72 -11.16 -28.32
C ALA C 295 -29.22 -10.66 -29.66
N ILE C 296 -30.16 -9.73 -29.72
CA ILE C 296 -30.65 -9.25 -31.01
C ILE C 296 -29.55 -8.46 -31.72
N PRO C 297 -29.29 -8.70 -32.99
CA PRO C 297 -28.30 -7.90 -33.72
C PRO C 297 -28.73 -6.44 -33.81
N PHE C 298 -27.76 -5.55 -33.71
CA PHE C 298 -28.00 -4.11 -33.74
C PHE C 298 -27.71 -3.49 -35.11
N ASP C 299 -27.45 -4.31 -36.12
CA ASP C 299 -27.18 -3.79 -37.45
C ASP C 299 -28.45 -3.24 -38.09
N LEU C 300 -28.27 -2.30 -39.01
CA LEU C 300 -29.38 -1.66 -39.69
C LEU C 300 -28.92 -0.94 -40.96
N LEU C 310 -21.59 5.90 -35.39
CA LEU C 310 -21.64 5.74 -33.94
C LEU C 310 -22.72 4.74 -33.54
N ILE C 311 -23.38 4.15 -34.55
CA ILE C 311 -24.38 3.12 -34.29
C ILE C 311 -23.77 1.89 -33.65
N GLY C 312 -22.46 1.69 -33.81
CA GLY C 312 -21.77 0.60 -33.15
C GLY C 312 -21.63 0.74 -31.65
N LEU C 313 -21.92 1.93 -31.11
CA LEU C 313 -21.91 2.12 -29.67
C LEU C 313 -23.01 1.33 -28.98
N LEU C 314 -24.06 0.95 -29.71
CA LEU C 314 -25.14 0.15 -29.14
C LEU C 314 -24.74 -1.29 -28.90
N LYS C 315 -23.62 -1.74 -29.48
CA LYS C 315 -23.15 -3.11 -29.26
C LYS C 315 -22.74 -3.36 -27.83
N THR C 316 -22.55 -2.32 -27.02
CA THR C 316 -22.17 -2.49 -25.63
C THR C 316 -23.28 -3.12 -24.80
N ALA C 317 -24.50 -3.23 -25.34
CA ALA C 317 -25.56 -3.95 -24.66
C ALA C 317 -25.26 -5.44 -24.51
N ARG C 318 -24.28 -5.95 -25.25
CA ARG C 318 -23.87 -7.34 -25.13
C ARG C 318 -23.28 -7.65 -23.77
N LEU C 319 -22.93 -6.63 -22.99
CA LEU C 319 -22.40 -6.87 -21.65
C LEU C 319 -23.43 -7.44 -20.70
N LEU C 320 -24.71 -7.43 -21.08
CA LEU C 320 -25.76 -8.01 -20.24
C LEU C 320 -25.65 -9.53 -20.16
N ARG C 321 -24.89 -10.14 -21.06
CA ARG C 321 -24.64 -11.57 -20.99
C ARG C 321 -23.81 -11.97 -19.77
N LEU C 322 -23.19 -10.99 -19.10
CA LEU C 322 -22.38 -11.27 -17.92
C LEU C 322 -23.21 -11.80 -16.75
N VAL C 323 -24.53 -11.66 -16.80
CA VAL C 323 -25.37 -12.16 -15.71
C VAL C 323 -25.47 -13.68 -15.76
N ARG C 324 -25.09 -14.30 -16.88
CA ARG C 324 -25.14 -15.75 -16.97
C ARG C 324 -24.15 -16.40 -16.01
N VAL C 325 -22.94 -15.86 -15.91
CA VAL C 325 -22.00 -16.38 -14.92
C VAL C 325 -22.50 -16.13 -13.50
N ALA C 326 -23.19 -15.00 -13.29
CA ALA C 326 -23.74 -14.72 -11.96
C ALA C 326 -24.79 -15.76 -11.58
N ARG C 327 -25.64 -16.14 -12.52
CA ARG C 327 -26.69 -17.11 -12.20
C ARG C 327 -26.20 -18.55 -12.25
N LYS C 328 -25.04 -18.82 -12.84
CA LYS C 328 -24.44 -20.15 -12.79
C LYS C 328 -23.32 -20.24 -11.76
N LEU C 329 -23.13 -19.18 -10.96
CA LEU C 329 -22.25 -19.28 -9.79
C LEU C 329 -22.66 -20.41 -8.85
N ASP C 330 -23.85 -20.99 -9.03
CA ASP C 330 -24.22 -22.18 -8.26
C ASP C 330 -23.25 -23.32 -8.50
N ARG C 331 -22.85 -23.53 -9.76
CA ARG C 331 -21.89 -24.58 -10.09
C ARG C 331 -20.46 -24.06 -10.21
N TYR C 332 -20.27 -22.81 -10.65
CA TYR C 332 -18.91 -22.31 -10.77
C TYR C 332 -18.18 -22.18 -9.44
N SER C 333 -18.90 -22.28 -8.31
CA SER C 333 -18.31 -22.08 -7.00
C SER C 333 -18.04 -23.38 -6.25
N GLU C 334 -18.07 -24.52 -6.95
CA GLU C 334 -17.84 -25.79 -6.26
C GLU C 334 -16.36 -26.03 -5.97
N TYR C 335 -15.46 -25.55 -6.82
CA TYR C 335 -14.03 -25.81 -6.69
C TYR C 335 -13.31 -24.57 -6.17
N GLY C 336 -12.39 -24.78 -5.22
CA GLY C 336 -11.61 -23.66 -4.71
C GLY C 336 -10.73 -23.04 -5.76
N ALA C 337 -10.11 -23.87 -6.61
CA ALA C 337 -9.28 -23.35 -7.69
C ALA C 337 -10.12 -22.53 -8.66
N ALA C 338 -11.34 -22.97 -8.94
CA ALA C 338 -12.24 -22.20 -9.80
C ALA C 338 -12.56 -20.86 -9.16
N VAL C 339 -12.77 -20.84 -7.84
CA VAL C 339 -13.09 -19.58 -7.16
C VAL C 339 -11.91 -18.62 -7.23
N LEU C 340 -10.68 -19.14 -7.01
CA LEU C 340 -9.51 -18.28 -7.07
C LEU C 340 -9.31 -17.73 -8.48
N PHE C 341 -9.43 -18.59 -9.49
CA PHE C 341 -9.29 -18.14 -10.87
C PHE C 341 -10.34 -17.10 -11.22
N LEU C 342 -11.58 -17.31 -10.76
CA LEU C 342 -12.65 -16.36 -11.05
C LEU C 342 -12.42 -15.03 -10.34
N LEU C 343 -11.90 -15.06 -9.11
CA LEU C 343 -11.59 -13.81 -8.41
C LEU C 343 -10.49 -13.03 -9.12
N MET C 344 -9.43 -13.73 -9.56
CA MET C 344 -8.41 -13.06 -10.35
C MET C 344 -8.99 -12.51 -11.65
N CYS C 345 -9.91 -13.26 -12.26
CA CYS C 345 -10.53 -12.80 -13.49
C CYS C 345 -11.37 -11.54 -13.27
N THR C 346 -12.12 -11.49 -12.18
CA THR C 346 -12.88 -10.27 -11.88
C THR C 346 -11.97 -9.10 -11.61
N PHE C 347 -10.86 -9.33 -10.89
CA PHE C 347 -9.91 -8.25 -10.64
C PHE C 347 -9.34 -7.72 -11.95
N ALA C 348 -8.91 -8.62 -12.83
CA ALA C 348 -8.34 -8.21 -14.11
C ALA C 348 -9.39 -7.53 -14.99
N LEU C 349 -10.65 -7.99 -14.92
CA LEU C 349 -11.70 -7.38 -15.72
C LEU C 349 -12.01 -5.97 -15.24
N ILE C 350 -12.05 -5.77 -13.92
CA ILE C 350 -12.26 -4.42 -13.39
C ILE C 350 -11.12 -3.51 -13.83
N ALA C 351 -9.88 -4.01 -13.75
CA ALA C 351 -8.75 -3.20 -14.21
C ALA C 351 -8.86 -2.88 -15.69
N HIS C 352 -9.27 -3.84 -16.52
CA HIS C 352 -9.40 -3.61 -17.95
C HIS C 352 -10.50 -2.60 -18.26
N TRP C 353 -11.64 -2.72 -17.60
CA TRP C 353 -12.74 -1.77 -17.82
C TRP C 353 -12.33 -0.36 -17.40
N LEU C 354 -11.67 -0.24 -16.25
CA LEU C 354 -11.20 1.06 -15.82
C LEU C 354 -10.14 1.61 -16.77
N ALA C 355 -9.33 0.73 -17.37
CA ALA C 355 -8.37 1.19 -18.37
C ALA C 355 -9.08 1.72 -19.61
N CYS C 356 -10.15 1.06 -20.04
CA CYS C 356 -10.93 1.55 -21.17
C CYS C 356 -11.54 2.91 -20.86
N ILE C 357 -12.08 3.07 -19.64
CA ILE C 357 -12.68 4.35 -19.25
C ILE C 357 -11.60 5.43 -19.16
N TRP C 358 -10.42 5.09 -18.64
CA TRP C 358 -9.31 6.04 -18.54
C TRP C 358 -8.86 6.50 -19.91
N TYR C 359 -8.75 5.57 -20.86
CA TYR C 359 -8.39 5.96 -22.22
C TYR C 359 -9.49 6.82 -22.85
N ALA C 360 -10.75 6.48 -22.61
CA ALA C 360 -11.83 7.30 -23.14
C ALA C 360 -11.77 8.72 -22.61
N ILE C 361 -11.56 8.87 -21.30
CA ILE C 361 -11.43 10.20 -20.71
C ILE C 361 -10.24 10.93 -21.29
N GLY C 362 -9.10 10.26 -21.42
CA GLY C 362 -7.93 10.90 -22.00
C GLY C 362 -8.06 11.23 -23.47
N ASN C 363 -8.98 10.57 -24.17
CA ASN C 363 -9.22 10.84 -25.58
C ASN C 363 -10.32 11.86 -25.81
N MET C 364 -11.17 12.15 -24.83
CA MET C 364 -12.11 13.24 -24.99
C MET C 364 -11.39 14.58 -25.11
N GLU C 365 -10.18 14.68 -24.57
CA GLU C 365 -9.43 15.94 -24.59
C GLU C 365 -8.52 16.03 -25.80
N GLN C 366 -9.08 15.81 -26.98
CA GLN C 366 -8.41 16.09 -28.25
C GLN C 366 -8.49 17.56 -28.65
N PRO C 367 -9.66 18.22 -28.55
CA PRO C 367 -9.70 19.64 -28.94
C PRO C 367 -8.73 20.52 -28.17
N HIS C 368 -8.52 20.24 -26.89
CA HIS C 368 -7.56 21.00 -26.11
C HIS C 368 -6.14 20.76 -26.62
N ARG C 372 1.29 19.45 -23.20
CA ARG C 372 1.93 18.91 -22.02
C ARG C 372 0.93 18.66 -20.89
N ILE C 373 -0.36 18.68 -21.23
CA ILE C 373 -1.44 18.46 -20.27
C ILE C 373 -2.22 17.24 -20.70
N GLY C 374 -2.45 16.32 -19.79
CA GLY C 374 -3.13 15.09 -20.10
C GLY C 374 -2.16 13.93 -20.20
N TRP C 375 -2.67 12.72 -19.94
CA TRP C 375 -1.79 11.56 -19.87
C TRP C 375 -1.33 11.10 -21.24
N LEU C 376 -2.08 11.41 -22.30
CA LEU C 376 -1.67 10.97 -23.63
C LEU C 376 -0.47 11.76 -24.14
N HIS C 377 -0.47 13.07 -23.93
CA HIS C 377 0.68 13.89 -24.36
C HIS C 377 1.93 13.52 -23.58
N ASN C 378 1.80 13.33 -22.26
CA ASN C 378 2.93 12.91 -21.46
C ASN C 378 3.43 11.55 -21.91
N LEU C 379 2.51 10.62 -22.19
CA LEU C 379 2.92 9.29 -22.66
C LEU C 379 3.66 9.39 -23.99
N GLY C 380 3.17 10.22 -24.91
CA GLY C 380 3.86 10.38 -26.17
C GLY C 380 5.25 10.96 -25.99
N ASP C 381 5.39 11.94 -25.10
CA ASP C 381 6.71 12.52 -24.86
C ASP C 381 7.65 11.50 -24.22
N GLN C 382 7.14 10.68 -23.30
CA GLN C 382 8.00 9.75 -22.56
C GLN C 382 8.64 8.72 -23.47
N ILE C 383 7.87 8.14 -24.39
CA ILE C 383 8.32 7.00 -25.17
C ILE C 383 8.94 7.47 -26.48
N GLY C 384 9.21 8.77 -26.59
CA GLY C 384 9.85 9.30 -27.77
C GLY C 384 8.98 9.37 -29.00
N LYS C 385 7.66 9.44 -28.84
CA LYS C 385 6.72 9.56 -29.96
C LYS C 385 5.77 10.72 -29.68
N PRO C 386 6.25 11.95 -29.83
CA PRO C 386 5.37 13.11 -29.60
C PRO C 386 4.24 13.17 -30.60
N TYR C 387 3.12 13.73 -30.17
CA TYR C 387 1.96 13.88 -31.03
C TYR C 387 2.23 14.82 -32.19
N GLY C 393 0.24 12.26 -34.94
CA GLY C 393 0.79 10.93 -34.76
C GLY C 393 0.45 10.30 -33.42
N GLY C 394 1.40 10.37 -32.49
CA GLY C 394 1.20 9.84 -31.17
C GLY C 394 1.53 8.37 -31.08
N PRO C 395 1.45 7.82 -29.87
CA PRO C 395 1.75 6.39 -29.70
C PRO C 395 0.73 5.51 -30.40
N SER C 396 1.11 4.26 -30.59
CA SER C 396 0.23 3.30 -31.25
C SER C 396 -0.88 2.88 -30.28
N ILE C 397 -1.84 2.13 -30.81
CA ILE C 397 -2.94 1.62 -29.99
C ILE C 397 -2.41 0.64 -28.95
N LYS C 398 -1.39 -0.13 -29.31
CA LYS C 398 -0.78 -1.05 -28.35
C LYS C 398 -0.19 -0.30 -27.17
N ASP C 399 0.59 0.74 -27.45
CA ASP C 399 1.20 1.51 -26.37
C ASP C 399 0.15 2.19 -25.50
N LYS C 400 -0.89 2.76 -26.12
CA LYS C 400 -1.94 3.42 -25.36
C LYS C 400 -2.67 2.44 -24.46
N TYR C 401 -3.06 1.28 -25.00
CA TYR C 401 -3.78 0.31 -24.17
C TYR C 401 -2.90 -0.21 -23.04
N VAL C 402 -1.65 -0.52 -23.33
CA VAL C 402 -0.76 -1.07 -22.30
C VAL C 402 -0.52 -0.04 -21.21
N THR C 403 -0.31 1.22 -21.59
CA THR C 403 -0.11 2.28 -20.60
C THR C 403 -1.35 2.49 -19.75
N ALA C 404 -2.53 2.49 -20.38
CA ALA C 404 -3.76 2.68 -19.61
C ALA C 404 -3.96 1.53 -18.63
N LEU C 405 -3.76 0.30 -19.09
CA LEU C 405 -3.92 -0.85 -18.21
C LEU C 405 -2.89 -0.83 -17.08
N TYR C 406 -1.65 -0.43 -17.38
CA TYR C 406 -0.61 -0.40 -16.37
C TYR C 406 -0.88 0.69 -15.33
N PHE C 407 -1.34 1.86 -15.77
CA PHE C 407 -1.72 2.90 -14.80
C PHE C 407 -2.87 2.44 -13.93
N THR C 408 -3.88 1.81 -14.53
CA THR C 408 -5.02 1.36 -13.75
C THR C 408 -4.60 0.31 -12.74
N PHE C 409 -3.73 -0.61 -13.14
CA PHE C 409 -3.25 -1.62 -12.20
C PHE C 409 -2.43 -1.01 -11.08
N SER C 410 -1.59 -0.02 -11.40
CA SER C 410 -0.81 0.63 -10.35
C SER C 410 -1.72 1.37 -9.38
N SER C 411 -2.78 2.01 -9.88
CA SER C 411 -3.70 2.70 -9.01
C SER C 411 -4.45 1.73 -8.11
N LEU C 412 -5.02 0.66 -8.69
CA LEU C 412 -5.84 -0.27 -7.92
C LEU C 412 -5.02 -0.97 -6.85
N THR C 413 -3.80 -1.40 -7.20
CA THR C 413 -2.91 -2.03 -6.25
C THR C 413 -2.24 -1.03 -5.32
N SER C 414 -2.30 0.26 -5.65
CA SER C 414 -1.73 1.34 -4.86
C SER C 414 -0.21 1.29 -4.84
N VAL C 415 0.37 1.26 -6.04
CA VAL C 415 1.81 1.43 -6.20
C VAL C 415 2.16 2.85 -6.61
N GLY C 416 1.46 3.38 -7.62
CA GLY C 416 1.72 4.74 -8.05
C GLY C 416 3.13 4.92 -8.56
N PHE C 417 3.43 4.34 -9.72
CA PHE C 417 4.82 4.21 -10.15
C PHE C 417 5.46 5.57 -10.41
N GLY C 418 4.74 6.50 -11.04
CA GLY C 418 5.22 7.86 -11.24
C GLY C 418 5.24 8.33 -12.67
N ASN C 419 5.22 7.41 -13.62
CA ASN C 419 5.21 7.78 -15.04
C ASN C 419 3.88 8.44 -15.38
N VAL C 420 2.77 7.81 -14.99
CA VAL C 420 1.41 8.24 -15.30
C VAL C 420 0.79 8.79 -14.03
N SER C 421 0.34 10.05 -14.09
CA SER C 421 -0.32 10.66 -12.95
C SER C 421 -1.35 11.64 -13.49
N PRO C 422 -2.56 11.67 -12.91
CA PRO C 422 -3.59 12.59 -13.39
C PRO C 422 -3.15 14.04 -13.29
N ASN C 423 -3.54 14.82 -14.29
CA ASN C 423 -3.18 16.23 -14.38
C ASN C 423 -4.33 17.12 -14.80
N THR C 424 -5.54 16.57 -14.93
CA THR C 424 -6.72 17.34 -15.30
C THR C 424 -7.83 17.02 -14.32
N ASN C 425 -8.75 17.96 -14.15
CA ASN C 425 -9.81 17.79 -13.15
C ASN C 425 -10.62 16.53 -13.41
N SER C 426 -10.92 16.24 -14.68
CA SER C 426 -11.60 14.99 -15.00
C SER C 426 -10.72 13.80 -14.64
N GLU C 427 -9.42 13.88 -14.95
CA GLU C 427 -8.51 12.79 -14.62
C GLU C 427 -8.38 12.63 -13.11
N LYS C 428 -8.26 13.74 -12.37
CA LYS C 428 -8.14 13.65 -10.92
C LYS C 428 -9.40 13.08 -10.28
N ILE C 429 -10.57 13.51 -10.75
CA ILE C 429 -11.82 12.99 -10.20
C ILE C 429 -11.98 11.51 -10.51
N PHE C 430 -11.63 11.11 -11.74
CA PHE C 430 -11.66 9.70 -12.09
C PHE C 430 -10.69 8.91 -11.21
N SER C 431 -9.53 9.49 -10.91
CA SER C 431 -8.57 8.81 -10.05
C SER C 431 -9.08 8.67 -8.63
N ILE C 432 -9.78 9.69 -8.12
CA ILE C 432 -10.39 9.58 -6.79
C ILE C 432 -11.41 8.44 -6.78
N CYS C 433 -12.25 8.38 -7.82
CA CYS C 433 -13.23 7.30 -7.90
C CYS C 433 -12.55 5.94 -7.99
N VAL C 434 -11.47 5.84 -8.76
CA VAL C 434 -10.72 4.60 -8.86
C VAL C 434 -10.14 4.21 -7.52
N MET C 435 -9.65 5.19 -6.76
CA MET C 435 -9.10 4.90 -5.43
C MET C 435 -10.18 4.37 -4.50
N LEU C 436 -11.37 4.97 -4.54
CA LEU C 436 -12.47 4.48 -3.71
C LEU C 436 -12.86 3.04 -4.09
N ILE C 437 -13.01 2.80 -5.39
CA ILE C 437 -13.38 1.46 -5.86
C ILE C 437 -12.31 0.45 -5.49
N GLY C 438 -11.04 0.83 -5.65
CA GLY C 438 -9.96 -0.09 -5.33
C GLY C 438 -9.86 -0.40 -3.86
N SER C 439 -10.12 0.60 -3.00
CA SER C 439 -10.17 0.32 -1.57
C SER C 439 -11.30 -0.65 -1.24
N LEU C 440 -12.48 -0.43 -1.84
CA LEU C 440 -13.60 -1.34 -1.61
C LEU C 440 -13.29 -2.76 -2.06
N MET C 441 -12.64 -2.90 -3.22
CA MET C 441 -12.36 -4.23 -3.75
C MET C 441 -11.19 -4.89 -3.01
N TYR C 442 -10.19 -4.11 -2.61
CA TYR C 442 -9.08 -4.65 -1.83
C TYR C 442 -9.58 -5.18 -0.50
N ALA C 443 -10.51 -4.47 0.13
CA ALA C 443 -11.13 -5.00 1.34
C ALA C 443 -11.93 -6.27 1.06
N SER C 444 -12.39 -6.46 -0.17
CA SER C 444 -13.25 -7.60 -0.52
C SER C 444 -12.50 -8.73 -1.21
N ILE C 445 -11.83 -8.44 -2.31
CA ILE C 445 -11.21 -9.49 -3.11
C ILE C 445 -10.05 -10.13 -2.36
N PHE C 446 -9.16 -9.31 -1.79
CA PHE C 446 -7.95 -9.82 -1.18
C PHE C 446 -8.09 -10.09 0.30
N GLY C 447 -9.30 -10.01 0.84
CA GLY C 447 -9.60 -10.63 2.12
C GLY C 447 -10.20 -11.98 1.87
N ASN C 448 -11.06 -12.04 0.84
CA ASN C 448 -11.62 -13.32 0.43
C ASN C 448 -10.55 -14.27 -0.07
N VAL C 449 -9.51 -13.75 -0.73
CA VAL C 449 -8.41 -14.61 -1.17
C VAL C 449 -7.65 -15.18 0.01
N SER C 450 -7.39 -14.34 1.03
CA SER C 450 -6.72 -14.81 2.23
C SER C 450 -7.56 -15.84 2.98
N ALA C 451 -8.89 -15.72 2.89
CA ALA C 451 -9.76 -16.75 3.46
C ALA C 451 -9.74 -18.02 2.62
N ILE C 452 -9.71 -17.87 1.29
CA ILE C 452 -9.84 -19.01 0.38
C ILE C 452 -8.60 -19.88 0.42
N ILE C 453 -7.42 -19.26 0.51
CA ILE C 453 -6.17 -20.04 0.41
C ILE C 453 -6.11 -21.09 1.51
N GLN C 454 -6.54 -20.75 2.72
CA GLN C 454 -6.58 -21.74 3.79
C GLN C 454 -7.55 -22.86 3.47
N ARG C 455 -8.71 -22.52 2.91
CA ARG C 455 -9.70 -23.50 2.47
C ARG C 455 -9.16 -24.38 1.35
N LYS D 197 -41.00 8.78 12.79
CA LYS D 197 -39.86 9.32 13.51
C LYS D 197 -38.54 8.93 12.87
N ALA D 198 -38.48 7.71 12.33
CA ALA D 198 -37.27 7.25 11.68
C ALA D 198 -36.93 8.09 10.46
N VAL D 199 -37.94 8.44 9.67
CA VAL D 199 -37.69 9.29 8.50
C VAL D 199 -37.13 10.64 8.92
N TRP D 200 -37.63 11.17 10.05
CA TRP D 200 -37.17 12.47 10.52
C TRP D 200 -35.69 12.46 10.86
N ASP D 201 -35.24 11.48 11.63
CA ASP D 201 -33.84 11.46 12.02
C ASP D 201 -32.93 10.96 10.90
N TRP D 202 -33.45 10.22 9.92
CA TRP D 202 -32.65 9.96 8.73
C TRP D 202 -32.44 11.23 7.91
N LEU D 203 -33.48 12.06 7.80
CA LEU D 203 -33.30 13.37 7.18
C LEU D 203 -32.33 14.23 7.99
N ILE D 204 -32.36 14.09 9.31
CA ILE D 204 -31.41 14.81 10.16
C ILE D 204 -29.98 14.33 9.90
N LEU D 205 -29.80 13.02 9.70
CA LEU D 205 -28.49 12.49 9.32
C LEU D 205 -28.03 13.09 8.00
N LEU D 206 -28.93 13.18 7.02
CA LEU D 206 -28.56 13.79 5.74
C LEU D 206 -28.16 15.25 5.92
N LEU D 207 -28.89 15.98 6.75
CA LEU D 207 -28.54 17.38 7.02
C LEU D 207 -27.20 17.49 7.72
N VAL D 208 -26.91 16.57 8.64
CA VAL D 208 -25.63 16.57 9.34
C VAL D 208 -24.49 16.31 8.37
N ILE D 209 -24.68 15.37 7.44
CA ILE D 209 -23.66 15.13 6.42
C ILE D 209 -23.48 16.37 5.57
N TYR D 210 -24.58 17.04 5.20
CA TYR D 210 -24.47 18.26 4.41
C TYR D 210 -23.65 19.31 5.14
N THR D 211 -23.93 19.54 6.42
CA THR D 211 -23.21 20.59 7.13
C THR D 211 -21.76 20.19 7.39
N ALA D 212 -21.49 18.91 7.62
CA ALA D 212 -20.12 18.46 7.79
C ALA D 212 -19.31 18.62 6.50
N VAL D 213 -19.97 18.49 5.35
CA VAL D 213 -19.29 18.73 4.09
C VAL D 213 -19.08 20.22 3.85
N PHE D 214 -20.10 21.05 4.12
CA PHE D 214 -20.10 22.43 3.67
C PHE D 214 -19.64 23.44 4.71
N THR D 215 -19.37 23.04 5.94
CA THR D 215 -18.84 24.01 6.90
C THR D 215 -17.33 24.21 6.72
N PRO D 216 -16.50 23.15 6.74
CA PRO D 216 -15.07 23.38 6.50
C PRO D 216 -14.76 23.93 5.13
N TYR D 217 -15.52 23.55 4.11
CA TYR D 217 -15.26 24.07 2.77
C TYR D 217 -15.44 25.58 2.74
N SER D 218 -16.52 26.07 3.34
CA SER D 218 -16.73 27.52 3.39
C SER D 218 -15.74 28.20 4.33
N ALA D 219 -15.34 27.52 5.40
CA ALA D 219 -14.39 28.10 6.34
C ALA D 219 -13.02 28.28 5.71
N ALA D 220 -12.60 27.36 4.85
CA ALA D 220 -11.26 27.38 4.28
C ALA D 220 -11.22 28.03 2.90
N PHE D 221 -11.97 27.50 1.94
CA PHE D 221 -11.83 27.92 0.56
C PHE D 221 -12.49 29.26 0.27
N LEU D 222 -13.56 29.60 0.97
CA LEU D 222 -14.29 30.85 0.71
C LEU D 222 -14.16 31.82 1.86
N LEU D 223 -12.96 31.92 2.45
CA LEU D 223 -12.72 32.91 3.47
C LEU D 223 -12.60 34.30 2.88
N LYS D 224 -12.20 34.41 1.61
CA LYS D 224 -12.00 35.69 0.95
C LYS D 224 -13.30 36.47 0.86
N LEU D 242 -25.02 29.18 -1.68
CA LEU D 242 -25.84 30.32 -1.28
C LEU D 242 -26.29 30.20 0.17
N ALA D 243 -26.66 31.33 0.77
CA ALA D 243 -27.08 31.34 2.16
C ALA D 243 -28.48 30.78 2.37
N VAL D 244 -29.28 30.67 1.31
CA VAL D 244 -30.64 30.15 1.47
C VAL D 244 -30.60 28.70 1.96
N VAL D 245 -29.63 27.92 1.47
CA VAL D 245 -29.57 26.51 1.82
C VAL D 245 -29.24 26.32 3.29
N ASP D 246 -28.22 27.03 3.79
CA ASP D 246 -27.86 26.86 5.18
C ASP D 246 -28.87 27.52 6.11
N LEU D 247 -29.56 28.57 5.63
CA LEU D 247 -30.68 29.09 6.40
C LEU D 247 -31.78 28.06 6.56
N ILE D 248 -32.12 27.36 5.48
CA ILE D 248 -33.13 26.30 5.56
C ILE D 248 -32.65 25.20 6.50
N VAL D 249 -31.36 24.86 6.43
CA VAL D 249 -30.83 23.79 7.27
C VAL D 249 -30.90 24.16 8.74
N ASP D 250 -30.52 25.39 9.08
CA ASP D 250 -30.57 25.78 10.49
C ASP D 250 -31.99 25.95 10.98
N ILE D 251 -32.92 26.35 10.10
CA ILE D 251 -34.33 26.39 10.48
C ILE D 251 -34.84 24.98 10.76
N MET D 252 -34.45 24.02 9.92
CA MET D 252 -34.86 22.64 10.15
C MET D 252 -34.28 22.11 11.46
N PHE D 253 -33.04 22.47 11.77
CA PHE D 253 -32.44 22.03 13.02
C PHE D 253 -33.08 22.70 14.23
N ILE D 254 -33.54 23.94 14.07
CA ILE D 254 -34.32 24.58 15.13
C ILE D 254 -35.65 23.83 15.33
N VAL D 255 -36.28 23.42 14.23
CA VAL D 255 -37.48 22.61 14.33
C VAL D 255 -37.20 21.31 15.07
N ASP D 256 -36.06 20.69 14.77
CA ASP D 256 -35.68 19.46 15.46
C ASP D 256 -35.48 19.69 16.95
N ILE D 257 -34.81 20.80 17.31
CA ILE D 257 -34.58 21.06 18.73
C ILE D 257 -35.90 21.37 19.44
N LEU D 258 -36.86 21.97 18.73
CA LEU D 258 -38.19 22.15 19.30
C LEU D 258 -38.88 20.81 19.51
N ILE D 259 -38.75 19.90 18.54
CA ILE D 259 -39.36 18.57 18.65
C ILE D 259 -38.75 17.81 19.82
N ASN D 260 -37.45 17.94 20.04
CA ASN D 260 -36.77 17.24 21.12
C ASN D 260 -37.16 17.78 22.50
N PHE D 261 -37.87 18.89 22.57
CA PHE D 261 -38.31 19.50 23.83
C PHE D 261 -37.13 19.87 24.71
N GLY D 277 -44.68 17.53 28.79
CA GLY D 277 -43.57 18.31 29.31
C GLY D 277 -42.79 17.59 30.40
N ARG D 278 -43.16 16.34 30.66
CA ARG D 278 -42.48 15.55 31.68
C ARG D 278 -41.04 15.26 31.28
N ILE D 279 -40.79 15.02 29.98
CA ILE D 279 -39.46 14.69 29.51
C ILE D 279 -38.62 15.92 29.19
N ALA D 280 -39.19 17.12 29.32
CA ALA D 280 -38.44 18.33 29.01
C ALA D 280 -37.24 18.49 29.94
N VAL D 281 -37.42 18.21 31.23
CA VAL D 281 -36.32 18.32 32.17
C VAL D 281 -35.25 17.26 31.87
N HIS D 282 -35.68 16.07 31.42
CA HIS D 282 -34.73 15.03 31.08
C HIS D 282 -33.80 15.47 29.95
N TYR D 283 -34.36 16.09 28.91
CA TYR D 283 -33.51 16.59 27.83
C TYR D 283 -32.73 17.81 28.25
N PHE D 284 -33.29 18.64 29.12
CA PHE D 284 -32.56 19.82 29.61
C PHE D 284 -31.30 19.41 30.35
N LYS D 285 -31.38 18.34 31.13
CA LYS D 285 -30.19 17.84 31.82
C LYS D 285 -29.15 17.34 30.83
N GLY D 286 -29.59 16.71 29.75
CA GLY D 286 -28.66 16.05 28.84
C GLY D 286 -28.11 16.91 27.71
N TRP D 287 -28.47 16.57 26.48
CA TRP D 287 -27.88 17.18 25.29
C TRP D 287 -28.46 18.56 24.97
N PHE D 288 -29.17 19.20 25.90
CA PHE D 288 -29.81 20.47 25.58
C PHE D 288 -28.77 21.56 25.29
N LEU D 289 -27.74 21.65 26.13
CA LEU D 289 -26.75 22.72 25.95
C LEU D 289 -25.87 22.48 24.71
N ILE D 290 -25.50 21.22 24.46
CA ILE D 290 -24.69 20.91 23.29
C ILE D 290 -25.45 21.21 22.02
N ASP D 291 -26.74 20.85 21.97
CA ASP D 291 -27.54 21.16 20.79
C ASP D 291 -27.84 22.65 20.69
N MET D 292 -27.89 23.35 21.83
CA MET D 292 -28.19 24.78 21.80
C MET D 292 -27.00 25.58 21.28
N VAL D 293 -25.78 25.25 21.73
CA VAL D 293 -24.62 26.02 21.30
C VAL D 293 -24.38 25.86 19.80
N ALA D 294 -24.66 24.68 19.25
CA ALA D 294 -24.49 24.46 17.82
C ALA D 294 -25.64 25.01 16.99
N ALA D 295 -26.71 25.48 17.63
CA ALA D 295 -27.87 26.00 16.91
C ALA D 295 -28.10 27.49 17.09
N ILE D 296 -27.43 28.12 18.04
CA ILE D 296 -27.63 29.57 18.25
C ILE D 296 -26.96 30.33 17.12
N PRO D 297 -27.66 31.24 16.45
CA PRO D 297 -27.00 32.04 15.39
C PRO D 297 -25.92 32.92 15.98
N PHE D 298 -24.86 33.13 15.19
CA PHE D 298 -23.70 33.88 15.62
C PHE D 298 -23.56 35.23 14.91
N ASP D 299 -24.59 35.67 14.21
CA ASP D 299 -24.55 36.98 13.58
C ASP D 299 -24.62 38.08 14.65
N LEU D 300 -23.83 39.12 14.44
CA LEU D 300 -23.80 40.25 15.36
C LEU D 300 -23.35 41.53 14.67
N LEU D 310 -11.95 36.71 12.01
CA LEU D 310 -12.35 35.79 13.07
C LEU D 310 -13.84 35.91 13.34
N ILE D 311 -14.43 37.04 12.98
CA ILE D 311 -15.86 37.25 13.16
C ILE D 311 -16.65 36.25 12.32
N GLY D 312 -16.23 36.03 11.07
CA GLY D 312 -16.86 35.02 10.23
C GLY D 312 -16.35 33.63 10.45
N LEU D 313 -15.27 33.46 11.20
CA LEU D 313 -14.71 32.15 11.48
C LEU D 313 -15.52 31.40 12.54
N LEU D 314 -16.29 32.13 13.36
CA LEU D 314 -17.02 31.51 14.45
C LEU D 314 -18.12 30.55 13.98
N LYS D 315 -18.46 30.57 12.70
CA LYS D 315 -19.46 29.64 12.18
C LYS D 315 -18.98 28.19 12.17
N THR D 316 -17.73 27.91 12.54
CA THR D 316 -17.29 26.52 12.60
C THR D 316 -17.89 25.77 13.79
N ALA D 317 -18.56 26.48 14.70
CA ALA D 317 -19.21 25.83 15.83
C ALA D 317 -20.38 24.95 15.43
N ARG D 318 -20.84 25.05 14.20
CA ARG D 318 -21.88 24.16 13.69
C ARG D 318 -21.36 22.77 13.41
N LEU D 319 -20.10 22.51 13.76
CA LEU D 319 -19.49 21.20 13.61
C LEU D 319 -19.59 20.36 14.87
N LEU D 320 -20.37 20.80 15.86
CA LEU D 320 -20.73 19.96 16.99
C LEU D 320 -22.00 19.17 16.73
N ARG D 321 -22.56 19.30 15.54
CA ARG D 321 -23.83 18.65 15.21
C ARG D 321 -23.67 17.16 14.91
N LEU D 322 -22.47 16.68 14.62
CA LEU D 322 -22.31 15.25 14.40
C LEU D 322 -22.52 14.44 15.67
N VAL D 323 -22.56 15.08 16.84
CA VAL D 323 -22.97 14.36 18.03
C VAL D 323 -24.42 13.92 17.94
N ARG D 324 -25.20 14.57 17.07
CA ARG D 324 -26.58 14.12 16.84
C ARG D 324 -26.59 12.72 16.26
N VAL D 325 -25.76 12.48 15.24
CA VAL D 325 -25.72 11.15 14.64
C VAL D 325 -24.85 10.19 15.45
N ALA D 326 -23.94 10.70 16.27
CA ALA D 326 -23.13 9.82 17.12
C ALA D 326 -23.96 9.27 18.27
N ARG D 327 -24.87 10.09 18.80
CA ARG D 327 -25.62 9.67 19.99
C ARG D 327 -26.68 8.64 19.67
N LYS D 328 -27.09 8.50 18.42
CA LYS D 328 -28.18 7.61 18.02
C LYS D 328 -27.72 6.59 17.00
N LEU D 329 -26.54 6.00 17.24
CA LEU D 329 -25.98 5.01 16.32
C LEU D 329 -26.77 3.72 16.28
N ASP D 330 -27.71 3.51 17.20
CA ASP D 330 -28.51 2.28 17.21
C ASP D 330 -29.30 2.13 15.92
N ARG D 331 -30.03 3.17 15.53
CA ARG D 331 -30.77 3.15 14.26
C ARG D 331 -29.82 3.10 13.08
N TYR D 332 -28.85 4.01 13.04
CA TYR D 332 -27.97 4.12 11.88
C TYR D 332 -27.12 2.88 11.65
N SER D 333 -26.96 2.02 12.65
CA SER D 333 -26.12 0.83 12.50
C SER D 333 -26.92 -0.46 12.54
N GLU D 334 -28.24 -0.39 12.35
CA GLU D 334 -29.04 -1.60 12.40
C GLU D 334 -28.87 -2.44 11.13
N TYR D 335 -28.79 -1.80 9.97
CA TYR D 335 -28.56 -2.49 8.70
C TYR D 335 -27.07 -2.59 8.42
N GLY D 336 -26.66 -3.73 7.87
CA GLY D 336 -25.27 -3.87 7.43
C GLY D 336 -24.93 -2.97 6.27
N ALA D 337 -25.86 -2.85 5.30
CA ALA D 337 -25.65 -1.92 4.20
C ALA D 337 -25.57 -0.48 4.69
N ALA D 338 -26.37 -0.13 5.71
CA ALA D 338 -26.29 1.20 6.29
C ALA D 338 -24.92 1.45 6.91
N VAL D 339 -24.36 0.44 7.58
CA VAL D 339 -23.04 0.62 8.19
C VAL D 339 -21.97 0.75 7.11
N LEU D 340 -22.10 -0.01 6.01
CA LEU D 340 -21.16 0.12 4.91
C LEU D 340 -21.20 1.52 4.31
N PHE D 341 -22.41 2.03 4.06
CA PHE D 341 -22.56 3.38 3.53
C PHE D 341 -22.00 4.41 4.49
N LEU D 342 -22.23 4.24 5.79
CA LEU D 342 -21.73 5.20 6.77
C LEU D 342 -20.21 5.15 6.87
N LEU D 343 -19.61 3.97 6.75
CA LEU D 343 -18.15 3.88 6.75
C LEU D 343 -17.56 4.58 5.53
N MET D 344 -18.16 4.37 4.35
CA MET D 344 -17.70 5.10 3.18
C MET D 344 -17.85 6.60 3.36
N CYS D 345 -18.99 7.03 3.94
CA CYS D 345 -19.23 8.44 4.15
C CYS D 345 -18.22 9.05 5.11
N THR D 346 -17.90 8.35 6.19
CA THR D 346 -16.95 8.92 7.15
C THR D 346 -15.53 8.93 6.60
N PHE D 347 -15.16 7.93 5.80
CA PHE D 347 -13.87 7.98 5.13
C PHE D 347 -13.78 9.18 4.19
N ALA D 348 -14.84 9.40 3.40
CA ALA D 348 -14.84 10.54 2.49
C ALA D 348 -14.83 11.86 3.26
N LEU D 349 -15.53 11.91 4.40
CA LEU D 349 -15.55 13.12 5.21
C LEU D 349 -14.18 13.41 5.82
N ILE D 350 -13.48 12.37 6.28
CA ILE D 350 -12.14 12.56 6.80
C ILE D 350 -11.21 13.07 5.71
N ALA D 351 -11.34 12.51 4.50
CA ALA D 351 -10.54 13.01 3.38
C ALA D 351 -10.88 14.47 3.07
N HIS D 352 -12.15 14.83 3.14
CA HIS D 352 -12.54 16.22 2.88
C HIS D 352 -11.96 17.18 3.92
N TRP D 353 -12.03 16.80 5.20
CA TRP D 353 -11.48 17.65 6.25
C TRP D 353 -9.98 17.79 6.10
N LEU D 354 -9.28 16.70 5.78
CA LEU D 354 -7.84 16.77 5.56
C LEU D 354 -7.51 17.65 4.36
N ALA D 355 -8.35 17.60 3.32
CA ALA D 355 -8.15 18.47 2.17
C ALA D 355 -8.28 19.93 2.56
N CYS D 356 -9.27 20.24 3.40
CA CYS D 356 -9.44 21.62 3.85
C CYS D 356 -8.25 22.09 4.69
N ILE D 357 -7.75 21.23 5.57
CA ILE D 357 -6.58 21.59 6.37
C ILE D 357 -5.35 21.78 5.47
N TRP D 358 -5.17 20.88 4.49
CA TRP D 358 -4.04 20.97 3.58
C TRP D 358 -4.10 22.27 2.78
N TYR D 359 -5.28 22.65 2.31
CA TYR D 359 -5.38 23.91 1.59
C TYR D 359 -5.15 25.10 2.51
N ALA D 360 -5.60 25.02 3.77
CA ALA D 360 -5.35 26.11 4.69
C ALA D 360 -3.85 26.31 4.91
N ILE D 361 -3.12 25.20 5.07
CA ILE D 361 -1.66 25.28 5.22
C ILE D 361 -1.04 25.88 3.97
N GLY D 362 -1.42 25.38 2.80
CA GLY D 362 -0.84 25.88 1.56
C GLY D 362 -1.13 27.34 1.33
N ASN D 363 -2.32 27.79 1.71
CA ASN D 363 -2.69 29.18 1.52
C ASN D 363 -1.98 30.09 2.51
N MET D 364 -1.81 29.62 3.74
CA MET D 364 -1.07 30.42 4.72
C MET D 364 0.40 30.53 4.35
N GLU D 365 0.93 29.53 3.62
CA GLU D 365 2.31 29.59 3.18
C GLU D 365 2.52 30.26 1.83
N GLN D 366 1.47 30.37 1.01
CA GLN D 366 1.65 30.82 -0.37
C GLN D 366 2.23 32.23 -0.49
N PRO D 367 1.68 33.26 0.17
CA PRO D 367 2.21 34.62 -0.07
C PRO D 367 3.60 34.86 0.50
N HIS D 368 4.13 33.95 1.30
CA HIS D 368 5.44 34.12 1.90
C HIS D 368 6.55 33.79 0.92
N ARG D 372 8.25 28.30 -5.81
CA ARG D 372 8.23 26.95 -6.34
C ARG D 372 8.25 25.92 -5.22
N ILE D 373 8.19 26.39 -3.98
CA ILE D 373 8.30 25.50 -2.83
C ILE D 373 6.95 24.97 -2.40
N GLY D 374 5.94 25.84 -2.31
CA GLY D 374 4.64 25.39 -1.89
C GLY D 374 3.98 24.48 -2.91
N TRP D 375 2.94 23.76 -2.46
CA TRP D 375 2.22 22.89 -3.38
C TRP D 375 1.33 23.68 -4.33
N LEU D 376 0.92 24.88 -3.93
CA LEU D 376 0.09 25.69 -4.81
C LEU D 376 0.88 26.20 -6.01
N HIS D 377 2.14 26.60 -5.80
CA HIS D 377 2.95 27.06 -6.92
C HIS D 377 3.20 25.93 -7.91
N ASN D 378 3.53 24.74 -7.42
CA ASN D 378 3.73 23.59 -8.30
C ASN D 378 2.45 23.22 -9.02
N LEU D 379 1.31 23.24 -8.32
CA LEU D 379 0.04 22.96 -8.96
C LEU D 379 -0.25 23.95 -10.07
N GLY D 380 0.00 25.24 -9.82
CA GLY D 380 -0.22 26.24 -10.85
C GLY D 380 0.70 26.07 -12.04
N ASP D 381 1.96 25.71 -11.78
CA ASP D 381 2.91 25.56 -12.88
C ASP D 381 2.72 24.26 -13.65
N GLN D 382 2.06 23.26 -13.07
CA GLN D 382 1.85 22.00 -13.76
C GLN D 382 0.49 21.92 -14.45
N ILE D 383 -0.48 22.71 -13.98
CA ILE D 383 -1.82 22.71 -14.57
C ILE D 383 -1.95 23.72 -15.71
N GLY D 384 -0.90 24.49 -15.97
CA GLY D 384 -0.95 25.51 -16.99
C GLY D 384 -1.46 26.86 -16.55
N LYS D 385 -1.42 27.16 -15.25
CA LYS D 385 -1.92 28.40 -14.69
C LYS D 385 -0.88 28.96 -13.74
N PRO D 386 0.21 29.54 -14.26
CA PRO D 386 1.25 30.07 -13.38
C PRO D 386 0.71 31.13 -12.44
N TYR D 387 1.23 31.12 -11.21
CA TYR D 387 0.81 32.08 -10.19
C TYR D 387 1.27 33.48 -10.53
N GLY D 393 -2.80 35.56 -10.20
CA GLY D 393 -3.74 34.58 -10.71
C GLY D 393 -3.74 33.29 -9.92
N GLY D 394 -3.33 32.20 -10.57
CA GLY D 394 -3.28 30.92 -9.94
C GLY D 394 -4.44 30.03 -10.33
N PRO D 395 -4.42 28.77 -9.90
CA PRO D 395 -5.51 27.86 -10.21
C PRO D 395 -6.82 28.33 -9.61
N SER D 396 -7.92 27.94 -10.24
CA SER D 396 -9.23 28.28 -9.74
C SER D 396 -9.55 27.50 -8.47
N ILE D 397 -10.61 27.91 -7.79
CA ILE D 397 -11.01 27.22 -6.55
C ILE D 397 -11.35 25.78 -6.83
N LYS D 398 -11.96 25.51 -7.98
CA LYS D 398 -12.27 24.13 -8.35
C LYS D 398 -11.00 23.30 -8.47
N ASP D 399 -9.99 23.83 -9.17
CA ASP D 399 -8.74 23.10 -9.34
C ASP D 399 -8.04 22.90 -8.01
N LYS D 400 -8.02 23.93 -7.17
CA LYS D 400 -7.37 23.82 -5.86
C LYS D 400 -8.05 22.78 -4.99
N TYR D 401 -9.38 22.80 -4.93
CA TYR D 401 -10.07 21.81 -4.12
C TYR D 401 -9.88 20.40 -4.66
N VAL D 402 -9.97 20.23 -5.97
CA VAL D 402 -9.81 18.90 -6.56
C VAL D 402 -8.41 18.36 -6.30
N THR D 403 -7.39 19.21 -6.46
CA THR D 403 -6.02 18.78 -6.20
C THR D 403 -5.80 18.44 -4.75
N ALA D 404 -6.34 19.25 -3.82
CA ALA D 404 -6.19 18.95 -2.41
C ALA D 404 -6.86 17.63 -2.04
N LEU D 405 -8.09 17.42 -2.53
CA LEU D 405 -8.80 16.18 -2.24
C LEU D 405 -8.09 14.98 -2.85
N TYR D 406 -7.56 15.13 -4.06
CA TYR D 406 -6.85 14.03 -4.71
C TYR D 406 -5.57 13.69 -3.97
N PHE D 407 -4.82 14.70 -3.53
CA PHE D 407 -3.62 14.43 -2.74
C PHE D 407 -3.98 13.73 -1.43
N THR D 408 -5.02 14.20 -0.75
CA THR D 408 -5.40 13.61 0.52
C THR D 408 -5.84 12.16 0.34
N PHE D 409 -6.62 11.89 -0.70
CA PHE D 409 -7.04 10.51 -0.96
C PHE D 409 -5.85 9.61 -1.26
N SER D 410 -4.91 10.10 -2.07
CA SER D 410 -3.73 9.29 -2.40
C SER D 410 -2.88 9.02 -1.16
N SER D 411 -2.74 10.01 -0.30
CA SER D 411 -1.98 9.82 0.94
C SER D 411 -2.67 8.85 1.88
N LEU D 412 -3.99 8.96 2.02
CA LEU D 412 -4.71 8.05 2.91
C LEU D 412 -4.68 6.62 2.40
N THR D 413 -4.85 6.44 1.09
CA THR D 413 -4.87 5.12 0.49
C THR D 413 -3.48 4.58 0.20
N SER D 414 -2.44 5.35 0.48
CA SER D 414 -1.06 4.92 0.33
C SER D 414 -0.73 4.61 -1.12
N VAL D 415 -1.15 5.50 -2.01
CA VAL D 415 -0.75 5.45 -3.41
C VAL D 415 0.44 6.35 -3.68
N GLY D 416 0.34 7.62 -3.31
CA GLY D 416 1.45 8.54 -3.53
C GLY D 416 1.76 8.70 -5.00
N PHE D 417 0.87 9.37 -5.72
CA PHE D 417 0.98 9.45 -7.18
C PHE D 417 2.25 10.16 -7.62
N GLY D 418 2.76 11.08 -6.82
CA GLY D 418 3.96 11.82 -7.17
C GLY D 418 3.72 13.13 -7.89
N ASN D 419 2.48 13.42 -8.29
CA ASN D 419 2.16 14.74 -8.83
C ASN D 419 2.29 15.80 -7.75
N VAL D 420 1.71 15.55 -6.58
CA VAL D 420 1.70 16.48 -5.47
C VAL D 420 2.43 15.81 -4.30
N SER D 421 3.52 16.42 -3.86
CA SER D 421 4.30 15.91 -2.76
C SER D 421 4.75 17.05 -1.86
N PRO D 422 4.76 16.84 -0.54
CA PRO D 422 5.15 17.91 0.38
C PRO D 422 6.59 18.35 0.17
N ASN D 423 6.81 19.66 0.27
CA ASN D 423 8.12 20.24 0.04
C ASN D 423 8.51 21.29 1.08
N THR D 424 7.69 21.54 2.08
CA THR D 424 7.97 22.48 3.14
C THR D 424 7.84 21.77 4.48
N ASN D 425 8.53 22.28 5.49
CA ASN D 425 8.54 21.63 6.80
C ASN D 425 7.13 21.50 7.36
N SER D 426 6.31 22.54 7.19
CA SER D 426 4.91 22.44 7.63
C SER D 426 4.16 21.39 6.83
N GLU D 427 4.36 21.36 5.51
CA GLU D 427 3.72 20.34 4.68
C GLU D 427 4.21 18.95 5.04
N LYS D 428 5.51 18.80 5.30
CA LYS D 428 6.05 17.50 5.66
C LYS D 428 5.52 17.02 7.01
N ILE D 429 5.43 17.93 8.00
CA ILE D 429 4.89 17.55 9.30
C ILE D 429 3.41 17.19 9.17
N PHE D 430 2.66 17.97 8.39
CA PHE D 430 1.27 17.62 8.15
C PHE D 430 1.16 16.26 7.50
N SER D 431 2.07 15.94 6.57
CA SER D 431 2.02 14.66 5.87
C SER D 431 2.37 13.51 6.81
N ILE D 432 3.31 13.72 7.72
CA ILE D 432 3.63 12.67 8.70
C ILE D 432 2.43 12.38 9.60
N CYS D 433 1.81 13.45 10.11
CA CYS D 433 0.63 13.28 10.95
C CYS D 433 -0.51 12.63 10.17
N VAL D 434 -0.66 13.02 8.89
CA VAL D 434 -1.68 12.42 8.05
C VAL D 434 -1.38 10.96 7.78
N MET D 435 -0.10 10.60 7.69
CA MET D 435 0.24 9.18 7.48
C MET D 435 -0.12 8.35 8.70
N LEU D 436 0.17 8.86 9.91
CA LEU D 436 -0.26 8.16 11.12
C LEU D 436 -1.79 8.05 11.17
N ILE D 437 -2.48 9.17 10.94
CA ILE D 437 -3.94 9.18 10.95
C ILE D 437 -4.48 8.22 9.90
N GLY D 438 -3.88 8.22 8.71
CA GLY D 438 -4.37 7.37 7.64
C GLY D 438 -4.17 5.90 7.95
N SER D 439 -3.02 5.55 8.52
CA SER D 439 -2.83 4.18 8.95
C SER D 439 -3.94 3.75 9.91
N LEU D 440 -4.16 4.54 10.97
CA LEU D 440 -5.18 4.16 11.95
C LEU D 440 -6.58 4.09 11.33
N MET D 441 -7.03 5.18 10.69
CA MET D 441 -8.40 5.19 10.20
C MET D 441 -8.61 4.20 9.06
N TYR D 442 -7.66 4.10 8.12
CA TYR D 442 -7.80 3.15 7.04
C TYR D 442 -7.86 1.72 7.59
N ALA D 443 -6.95 1.37 8.51
CA ALA D 443 -6.95 0.03 9.07
C ALA D 443 -8.28 -0.26 9.77
N SER D 444 -8.72 0.63 10.66
CA SER D 444 -9.94 0.38 11.41
C SER D 444 -11.15 0.29 10.49
N ILE D 445 -11.32 1.29 9.62
CA ILE D 445 -12.48 1.37 8.76
C ILE D 445 -12.56 0.17 7.84
N PHE D 446 -11.43 -0.20 7.22
CA PHE D 446 -11.52 -1.26 6.23
C PHE D 446 -11.44 -2.64 6.83
N GLY D 447 -10.92 -2.80 8.06
CA GLY D 447 -11.18 -4.03 8.78
C GLY D 447 -12.65 -4.19 9.10
N ASN D 448 -13.30 -3.10 9.49
CA ASN D 448 -14.75 -3.13 9.67
C ASN D 448 -15.45 -3.49 8.36
N VAL D 449 -15.00 -2.91 7.25
CA VAL D 449 -15.63 -3.18 5.96
C VAL D 449 -15.47 -4.64 5.57
N SER D 450 -14.28 -5.20 5.78
CA SER D 450 -14.06 -6.61 5.46
C SER D 450 -14.87 -7.52 6.39
N ALA D 451 -15.10 -7.10 7.63
CA ALA D 451 -16.02 -7.85 8.48
C ALA D 451 -17.45 -7.78 7.97
N ILE D 452 -17.85 -6.62 7.47
CA ILE D 452 -19.22 -6.42 7.00
C ILE D 452 -19.49 -7.24 5.75
N ILE D 453 -18.57 -7.22 4.78
CA ILE D 453 -18.88 -7.74 3.45
C ILE D 453 -19.29 -9.21 3.51
N GLN D 454 -18.65 -10.00 4.38
CA GLN D 454 -18.93 -11.43 4.40
C GLN D 454 -20.33 -11.73 4.91
N ARG D 455 -20.79 -11.02 5.92
CA ARG D 455 -22.22 -10.92 6.20
C ARG D 455 -23.05 -10.62 4.94
CAA A1L2J E . 3.85 -2.00 5.10
CAB A1L2J E . 3.54 -2.92 4.10
CAC A1L2J E . 2.28 -2.88 3.52
CAE A1L2J E . 1.66 -1.09 4.86
CAF A1L2J E . 2.90 -1.08 5.48
CAG A1L2J E . 0.70 -0.15 5.24
CAH A1L2J E . 1.97 -3.80 2.53
CAI A1L2J E . 0.52 -4.25 2.72
CAK A1L2J E . -1.74 -3.50 2.93
CAL A1L2J E . -2.65 -2.31 2.84
CAM A1L2J E . -2.56 -1.77 1.44
CAN A1L2J E . -1.15 -1.36 1.14
CAO A1L2J E . -0.28 -2.56 1.27
CAP A1L2J E . -3.46 -0.56 1.31
CAQ A1L2J E . -4.04 -0.36 0.06
CAR A1L2J E . -4.77 0.80 -0.13
CAS A1L2J E . -5.35 1.05 -1.35
CAT A1L2J E . -5.25 0.14 -2.39
CAU A1L2J E . -4.57 -1.05 -2.17
CAV A1L2J E . -3.95 -1.30 -0.95
CBB A1L2J E . -7.21 1.93 -5.42
NAD A1L2J E . 1.38 -1.98 3.91
NAJ A1L2J E . -0.36 -3.08 2.63
NAW A1L2J E . -5.83 0.37 -3.56
OAY A1L2J E . -7.80 1.89 -2.80
OAZ A1L2J E . -5.65 2.95 -3.53
OBA A1L2J E . -3.65 0.22 2.25
SAX A1L2J E . -6.62 1.79 -3.76
#